data_5IF0
#
_entry.id   5IF0
#
_cell.length_a   174.192
_cell.length_b   147.578
_cell.length_c   103.685
_cell.angle_alpha   90.00
_cell.angle_beta   126.61
_cell.angle_gamma   90.00
#
_symmetry.space_group_name_H-M   'C 1 2 1'
#
loop_
_entity.id
_entity.type
_entity.pdbx_description
1 polymer 'VRC01cHuGL2 Fab heavy chain'
2 polymer 'VRC01c-HuGL2 Fab light chain'
3 polymer 'Germline-targeting HIV-1 gp120 engineered outer domain eOD-GT8'
4 non-polymer 2-acetamido-2-deoxy-beta-D-glucopyranose
5 non-polymer 'PHOSPHATE ION'
6 water water
#
loop_
_entity_poly.entity_id
_entity_poly.type
_entity_poly.pdbx_seq_one_letter_code
_entity_poly.pdbx_strand_id
1 'polypeptide(L)'
;QVQLVQSGAEVKKPGASVKVSCKASGYTFTGYYMHWVRQAPGQGLEWMGWINPNSGGTNYAQKFQGRVTMTRDTSISTAY
MELSRLRSDDTAVYYCAKISGSYSFDYWGQGTLVTVSSASTKGPSVFPLAPSSKSTSGGTAALGCLVKDYFPEPVTVSWN
SGALTSGVHTFPAVLQSSGLYSLSSVVTVPSSSLGTQTYICNVNHKPSNTKVDKKVEPKSC
;
A,H
2 'polypeptide(L)'
;DIVMTQSPDSLAVSLGERATINCKSSQSVLYSSNNKNYLAWYQQKPGQPPKLLIYWASTRESGVPDRFSGSGSGTDFTLT
ISSLQAEDVAVYYCQQYYSFGGGTKVEIKRTVAAPSVFIFPPSDEQLKSGTASVVCLLNNFYPREAKVQWKVDNALQSGN
SQESVTEQDSKDSTYSLSSTLTLSKADYEKHKVYACEVTHQGLRSPVTKSFNRGEC
;
B,L
3 'polypeptide(L)'
;DTITLPCRPAPPPHCSSNITGLILTRQGGYSNANTVIFRPSGGDWRDIARCQIAGTVVSTQLFLNGSLAEEEVVIRSEDW
RDNAKSICVQLATSVEIACTGAGHCAISRAKWANTLKQIASKLREQYGAKTIIFKPSSGGDPEFVNHSFNCGGEFFYCAS
TQLFASTWFASTGTGTKHHHHHH
;
G,I
#
loop_
_chem_comp.id
_chem_comp.type
_chem_comp.name
_chem_comp.formula
NAG D-saccharide, beta linking 2-acetamido-2-deoxy-beta-D-glucopyranose 'C8 H15 N O6'
PO4 non-polymer 'PHOSPHATE ION' 'O4 P -3'
#
# COMPACT_ATOMS: atom_id res chain seq x y z
N GLN A 1 -36.35 33.04 5.08
CA GLN A 1 -35.14 32.32 4.67
C GLN A 1 -35.15 30.87 5.17
N VAL A 2 -34.86 29.96 4.27
CA VAL A 2 -34.87 28.53 4.58
C VAL A 2 -33.62 28.18 5.35
N GLN A 3 -33.79 27.50 6.48
CA GLN A 3 -32.65 27.06 7.29
C GLN A 3 -32.87 25.63 7.74
N LEU A 4 -31.83 24.81 7.59
CA LEU A 4 -31.82 23.45 8.10
C LEU A 4 -30.70 23.37 9.11
N VAL A 5 -31.07 23.26 10.39
CA VAL A 5 -30.11 23.24 11.49
C VAL A 5 -30.07 21.84 12.07
N GLN A 6 -28.90 21.21 12.04
CA GLN A 6 -28.73 19.83 12.50
C GLN A 6 -28.11 19.79 13.90
N SER A 7 -28.17 18.60 14.50
CA SER A 7 -27.66 18.37 15.83
C SER A 7 -26.15 18.22 15.81
N GLY A 8 -25.53 18.26 17.01
CA GLY A 8 -24.09 18.35 17.11
C GLY A 8 -23.37 17.03 16.84
N ALA A 9 -22.04 17.15 16.74
CA ALA A 9 -21.17 16.01 16.50
C ALA A 9 -21.32 14.96 17.60
N GLU A 10 -21.15 13.69 17.23
CA GLU A 10 -21.28 12.58 18.17
C GLU A 10 -20.12 11.60 17.99
N VAL A 11 -19.70 11.00 19.10
CA VAL A 11 -18.77 9.88 19.08
C VAL A 11 -19.47 8.67 19.66
N LYS A 12 -19.36 7.53 18.98
CA LYS A 12 -20.12 6.35 19.34
C LYS A 12 -19.23 5.11 19.21
N LYS A 13 -19.48 4.15 20.09
CA LYS A 13 -18.77 2.88 20.03
C LYS A 13 -19.34 2.02 18.90
N PRO A 14 -18.51 1.14 18.32
CA PRO A 14 -19.03 0.22 17.30
C PRO A 14 -20.19 -0.59 17.84
N GLY A 15 -21.26 -0.68 17.03
CA GLY A 15 -22.43 -1.45 17.41
C GLY A 15 -23.52 -0.65 18.10
N ALA A 16 -23.26 0.58 18.50
CA ALA A 16 -24.25 1.44 19.11
C ALA A 16 -25.25 1.97 18.09
N SER A 17 -25.81 3.15 18.35
CA SER A 17 -26.80 3.78 17.51
C SER A 17 -26.68 5.29 17.65
N VAL A 18 -26.82 6.01 16.54
CA VAL A 18 -26.80 7.46 16.56
C VAL A 18 -28.12 7.95 15.99
N LYS A 19 -28.59 9.09 16.50
CA LYS A 19 -29.84 9.69 16.06
C LYS A 19 -29.57 11.15 15.75
N VAL A 20 -29.52 11.46 14.49
CA VAL A 20 -29.25 12.81 14.01
C VAL A 20 -30.58 13.50 13.76
N SER A 21 -30.66 14.77 14.15
CA SER A 21 -31.87 15.53 13.92
C SER A 21 -31.57 16.65 12.94
N CYS A 22 -32.64 17.30 12.47
CA CYS A 22 -32.50 18.35 11.47
C CYS A 22 -33.79 19.18 11.50
N LYS A 23 -33.70 20.38 12.06
CA LYS A 23 -34.85 21.26 12.22
C LYS A 23 -34.92 22.21 11.03
N ALA A 24 -36.06 22.22 10.35
CA ALA A 24 -36.32 23.04 9.18
C ALA A 24 -37.10 24.28 9.56
N SER A 25 -36.89 25.36 8.82
CA SER A 25 -37.56 26.62 9.08
C SER A 25 -37.58 27.46 7.80
N GLY A 26 -38.58 28.32 7.70
CA GLY A 26 -38.70 29.23 6.57
C GLY A 26 -39.51 28.71 5.40
N TYR A 27 -40.03 27.49 5.46
CA TYR A 27 -40.83 26.93 4.38
C TYR A 27 -41.84 25.95 4.97
N THR A 28 -42.85 25.60 4.15
CA THR A 28 -43.85 24.62 4.53
C THR A 28 -43.22 23.24 4.66
N PHE A 29 -43.02 22.78 5.91
CA PHE A 29 -42.22 21.59 6.16
C PHE A 29 -42.77 20.36 5.44
N THR A 30 -44.09 20.17 5.47
CA THR A 30 -44.66 18.98 4.83
C THR A 30 -44.71 19.06 3.33
N GLY A 31 -44.10 20.03 2.67
CA GLY A 31 -44.35 20.23 1.26
C GLY A 31 -43.28 19.66 0.34
N TYR A 32 -42.11 19.35 0.92
CA TYR A 32 -40.98 18.88 0.15
C TYR A 32 -40.40 17.65 0.84
N TYR A 33 -39.95 16.68 0.04
CA TYR A 33 -39.29 15.52 0.61
C TYR A 33 -37.95 15.94 1.18
N MET A 34 -37.54 15.24 2.24
CA MET A 34 -36.27 15.49 2.90
C MET A 34 -35.37 14.29 2.65
N HIS A 35 -34.16 14.54 2.15
CA HIS A 35 -33.22 13.48 1.88
C HIS A 35 -32.07 13.52 2.89
N TRP A 36 -31.41 12.38 3.04
CA TRP A 36 -30.23 12.25 3.88
C TRP A 36 -29.06 11.78 3.04
N VAL A 37 -27.96 12.54 3.09
CA VAL A 37 -26.75 12.25 2.33
C VAL A 37 -25.58 12.27 3.30
N ARG A 38 -24.68 11.29 3.20
CA ARG A 38 -23.52 11.28 4.06
C ARG A 38 -22.24 11.35 3.24
N GLN A 39 -21.14 11.70 3.92
CA GLN A 39 -19.85 11.93 3.26
C GLN A 39 -18.74 11.48 4.20
N ALA A 40 -18.10 10.35 3.89
CA ALA A 40 -16.93 9.93 4.64
C ALA A 40 -15.81 10.97 4.45
N PRO A 41 -14.96 11.15 5.46
CA PRO A 41 -13.92 12.18 5.37
C PRO A 41 -13.04 12.01 4.14
N GLY A 42 -12.94 13.07 3.35
CA GLY A 42 -12.21 13.05 2.11
C GLY A 42 -12.83 12.25 0.99
N GLN A 43 -14.10 11.86 1.12
CA GLN A 43 -14.75 11.02 0.12
C GLN A 43 -15.91 11.77 -0.51
N GLY A 44 -16.67 11.05 -1.33
CA GLY A 44 -17.79 11.64 -2.06
C GLY A 44 -19.08 11.62 -1.27
N LEU A 45 -20.17 11.90 -1.98
CA LEU A 45 -21.50 12.02 -1.40
C LEU A 45 -22.27 10.72 -1.63
N GLU A 46 -22.85 10.18 -0.57
CA GLU A 46 -23.58 8.91 -0.65
C GLU A 46 -25.00 9.13 -0.16
N TRP A 47 -25.95 8.96 -1.08
CA TRP A 47 -27.36 9.11 -0.79
C TRP A 47 -27.85 7.96 0.09
N MET A 48 -28.63 8.27 1.12
CA MET A 48 -29.11 7.27 2.04
C MET A 48 -30.60 6.97 1.92
N GLY A 49 -31.41 7.94 1.55
CA GLY A 49 -32.83 7.71 1.42
C GLY A 49 -33.61 9.00 1.56
N TRP A 50 -34.91 8.89 1.31
CA TRP A 50 -35.78 10.04 1.51
C TRP A 50 -36.93 9.72 2.44
N ILE A 51 -37.54 10.79 2.95
CA ILE A 51 -38.73 10.71 3.78
C ILE A 51 -39.71 11.75 3.29
N ASN A 52 -40.99 11.37 3.27
CA ASN A 52 -42.09 12.28 2.97
C ASN A 52 -42.60 12.83 4.29
N PRO A 53 -42.40 14.13 4.59
CA PRO A 53 -42.85 14.65 5.89
C PRO A 53 -44.36 14.64 6.06
N ASN A 54 -45.14 14.57 4.98
CA ASN A 54 -46.59 14.59 5.12
C ASN A 54 -47.12 13.26 5.66
N SER A 55 -46.59 12.15 5.14
CA SER A 55 -47.04 10.82 5.49
C SER A 55 -46.07 10.05 6.37
N GLY A 56 -44.81 10.47 6.45
CA GLY A 56 -43.79 9.67 7.10
C GLY A 56 -43.29 8.51 6.27
N GLY A 57 -43.75 8.35 5.04
CA GLY A 57 -43.22 7.31 4.18
C GLY A 57 -41.77 7.54 3.84
N THR A 58 -41.05 6.44 3.64
CA THR A 58 -39.61 6.50 3.45
C THR A 58 -39.22 5.58 2.31
N ASN A 59 -38.03 5.84 1.77
CA ASN A 59 -37.45 4.98 0.73
C ASN A 59 -35.94 5.04 0.94
N TYR A 60 -35.39 3.97 1.51
CA TYR A 60 -33.97 3.90 1.85
C TYR A 60 -33.19 3.26 0.71
N ALA A 61 -31.94 3.70 0.55
CA ALA A 61 -31.03 2.97 -0.31
C ALA A 61 -30.81 1.57 0.27
N GLN A 62 -30.65 0.60 -0.62
CA GLN A 62 -30.58 -0.79 -0.19
C GLN A 62 -29.45 -1.07 0.78
N LYS A 63 -28.35 -0.31 0.70
CA LYS A 63 -27.23 -0.50 1.61
C LYS A 63 -27.65 -0.40 3.07
N PHE A 64 -28.58 0.51 3.39
CA PHE A 64 -28.93 0.83 4.76
C PHE A 64 -30.23 0.21 5.25
N GLN A 65 -30.97 -0.48 4.38
CA GLN A 65 -32.16 -1.22 4.80
C GLN A 65 -31.86 -2.09 6.00
N GLY A 66 -32.64 -1.92 7.06
CA GLY A 66 -32.47 -2.65 8.30
C GLY A 66 -31.70 -1.90 9.36
N ARG A 67 -30.78 -1.01 8.95
CA ARG A 67 -30.01 -0.23 9.91
C ARG A 67 -30.50 1.20 10.04
N VAL A 68 -31.05 1.78 8.98
CA VAL A 68 -31.45 3.18 8.97
C VAL A 68 -32.94 3.28 9.27
N THR A 69 -33.32 4.33 9.99
CA THR A 69 -34.72 4.65 10.24
C THR A 69 -34.89 6.16 10.18
N MET A 70 -35.68 6.64 9.24
CA MET A 70 -35.99 8.06 9.11
C MET A 70 -37.40 8.34 9.62
N THR A 71 -37.52 9.35 10.47
CA THR A 71 -38.78 9.79 11.03
C THR A 71 -38.82 11.32 10.98
N ARG A 72 -39.96 11.89 11.36
CA ARG A 72 -40.07 13.33 11.46
C ARG A 72 -41.17 13.66 12.46
N ASP A 73 -41.10 14.87 13.00
CA ASP A 73 -42.11 15.42 13.88
C ASP A 73 -42.59 16.72 13.25
N THR A 74 -43.78 16.68 12.64
CA THR A 74 -44.30 17.85 11.93
C THR A 74 -44.58 19.03 12.87
N SER A 75 -44.90 18.76 14.15
CA SER A 75 -45.24 19.85 15.06
C SER A 75 -44.05 20.72 15.42
N ILE A 76 -42.82 20.22 15.28
CA ILE A 76 -41.61 20.99 15.50
C ILE A 76 -40.75 21.07 14.24
N SER A 77 -41.27 20.62 13.10
CA SER A 77 -40.61 20.72 11.80
C SER A 77 -39.21 20.12 11.82
N THR A 78 -39.09 18.93 12.41
CA THR A 78 -37.80 18.29 12.62
C THR A 78 -37.80 16.89 12.02
N ALA A 79 -36.76 16.59 11.25
CA ALA A 79 -36.57 15.28 10.65
C ALA A 79 -35.44 14.56 11.37
N TYR A 80 -35.59 13.25 11.49
CA TYR A 80 -34.65 12.44 12.26
C TYR A 80 -34.10 11.33 11.39
N MET A 81 -32.80 11.10 11.53
CA MET A 81 -32.14 9.98 10.90
C MET A 81 -31.46 9.19 12.01
N GLU A 82 -31.75 7.90 12.09
CA GLU A 82 -31.14 7.02 13.07
C GLU A 82 -30.44 5.89 12.35
N LEU A 83 -29.15 5.72 12.62
CA LEU A 83 -28.37 4.64 12.05
C LEU A 83 -27.96 3.72 13.20
N SER A 84 -28.15 2.42 13.01
CA SER A 84 -27.91 1.46 14.08
C SER A 84 -26.88 0.43 13.64
N ARG A 85 -26.36 -0.31 14.62
CA ARG A 85 -25.33 -1.33 14.40
C ARG A 85 -24.12 -0.71 13.69
N LEU A 86 -23.54 0.30 14.35
CA LEU A 86 -22.53 1.15 13.73
C LEU A 86 -21.20 0.41 13.58
N ARG A 87 -20.50 0.70 12.48
CA ARG A 87 -19.17 0.21 12.18
C ARG A 87 -18.26 1.41 11.98
N SER A 88 -16.95 1.16 11.90
CA SER A 88 -16.00 2.26 11.80
C SER A 88 -16.15 3.02 10.49
N ASP A 89 -16.47 2.30 9.40
CA ASP A 89 -16.69 2.91 8.09
C ASP A 89 -18.04 3.63 7.98
N ASP A 90 -18.77 3.77 9.09
CA ASP A 90 -19.90 4.69 9.14
C ASP A 90 -19.48 6.08 9.60
N THR A 91 -18.20 6.27 9.93
CA THR A 91 -17.69 7.58 10.27
C THR A 91 -17.82 8.52 9.08
N ALA A 92 -18.66 9.54 9.23
CA ALA A 92 -18.91 10.47 8.13
C ALA A 92 -19.63 11.69 8.65
N VAL A 93 -19.71 12.72 7.80
CA VAL A 93 -20.58 13.86 8.01
C VAL A 93 -21.95 13.54 7.42
N TYR A 94 -22.99 13.71 8.21
CA TYR A 94 -24.36 13.36 7.83
C TYR A 94 -25.15 14.63 7.56
N TYR A 95 -25.77 14.71 6.39
CA TYR A 95 -26.49 15.89 5.93
C TYR A 95 -27.95 15.55 5.68
N CYS A 96 -28.85 16.38 6.17
CA CYS A 96 -30.21 16.43 5.64
C CYS A 96 -30.23 17.45 4.51
N ALA A 97 -31.07 17.20 3.50
CA ALA A 97 -31.16 18.10 2.37
C ALA A 97 -32.59 18.13 1.86
N LYS A 98 -33.06 19.32 1.52
CA LYS A 98 -34.42 19.53 1.08
C LYS A 98 -34.44 19.58 -0.44
N ILE A 99 -35.20 18.66 -1.05
CA ILE A 99 -35.39 18.66 -2.50
C ILE A 99 -36.20 19.89 -2.90
N SER A 100 -35.96 20.36 -4.13
CA SER A 100 -36.68 21.47 -4.74
C SER A 100 -37.56 20.93 -5.86
N GLY A 101 -38.31 21.84 -6.49
CA GLY A 101 -39.10 21.46 -7.65
C GLY A 101 -38.29 21.16 -8.89
N SER A 102 -37.00 21.52 -8.89
CA SER A 102 -36.10 21.20 -9.98
C SER A 102 -35.32 19.92 -9.73
N TYR A 103 -35.69 19.14 -8.72
CA TYR A 103 -35.02 17.88 -8.41
C TYR A 103 -33.53 18.12 -8.18
N SER A 104 -33.24 19.21 -7.48
CA SER A 104 -31.93 19.54 -6.96
C SER A 104 -32.06 19.89 -5.48
N PHE A 105 -30.94 19.84 -4.76
CA PHE A 105 -30.91 20.14 -3.33
C PHE A 105 -30.39 21.57 -3.15
N ASP A 106 -31.33 22.52 -2.99
CA ASP A 106 -30.98 23.93 -2.84
C ASP A 106 -30.69 24.34 -1.41
N TYR A 107 -31.13 23.56 -0.41
CA TYR A 107 -30.82 23.85 0.99
C TYR A 107 -30.35 22.60 1.70
N TRP A 108 -29.25 22.72 2.42
CA TRP A 108 -28.61 21.63 3.12
C TRP A 108 -28.45 21.98 4.60
N GLY A 109 -28.48 20.95 5.45
CA GLY A 109 -28.04 21.15 6.82
C GLY A 109 -26.54 21.43 6.86
N GLN A 110 -26.06 21.87 8.02
CA GLN A 110 -24.64 22.19 8.13
C GLN A 110 -23.77 20.96 8.28
N GLY A 111 -24.37 19.82 8.60
CA GLY A 111 -23.68 18.55 8.68
C GLY A 111 -23.46 18.11 10.11
N THR A 112 -23.39 16.81 10.31
CA THR A 112 -23.26 16.23 11.65
C THR A 112 -22.18 15.17 11.59
N LEU A 113 -21.01 15.47 12.13
CA LEU A 113 -19.92 14.51 12.14
C LEU A 113 -20.24 13.38 13.11
N VAL A 114 -20.19 12.16 12.61
CA VAL A 114 -20.43 11.00 13.43
C VAL A 114 -19.17 10.16 13.36
N THR A 115 -18.44 10.09 14.47
CA THR A 115 -17.24 9.29 14.56
C THR A 115 -17.54 8.02 15.33
N VAL A 116 -17.21 6.88 14.75
CA VAL A 116 -17.40 5.57 15.36
C VAL A 116 -16.04 5.03 15.74
N SER A 117 -15.83 4.74 17.02
CA SER A 117 -14.52 4.32 17.48
C SER A 117 -14.64 3.66 18.85
N SER A 118 -13.69 2.76 19.14
CA SER A 118 -13.59 2.17 20.47
C SER A 118 -12.74 3.00 21.41
N ALA A 119 -12.05 4.02 20.89
CA ALA A 119 -11.14 4.83 21.67
C ALA A 119 -11.89 5.62 22.75
N SER A 120 -11.18 5.90 23.83
CA SER A 120 -11.67 6.80 24.86
C SER A 120 -10.93 8.12 24.76
N THR A 121 -11.55 9.17 25.31
CA THR A 121 -10.94 10.49 25.26
C THR A 121 -9.55 10.45 25.89
N LYS A 122 -8.55 10.92 25.14
CA LYS A 122 -7.17 10.92 25.62
C LYS A 122 -6.44 12.12 25.06
N GLY A 123 -5.74 12.85 25.94
CA GLY A 123 -4.99 14.01 25.54
C GLY A 123 -3.65 13.66 24.91
N PRO A 124 -3.14 14.54 24.07
CA PRO A 124 -1.94 14.21 23.30
C PRO A 124 -0.67 14.35 24.09
N SER A 125 0.33 13.56 23.70
CA SER A 125 1.70 13.81 24.10
C SER A 125 2.35 14.60 22.97
N VAL A 126 3.15 15.59 23.32
CA VAL A 126 3.74 16.47 22.32
C VAL A 126 5.25 16.49 22.53
N PHE A 127 5.98 16.09 21.48
CA PHE A 127 7.40 15.89 21.39
C PHE A 127 8.00 16.86 20.39
N PRO A 128 9.22 17.34 20.62
CA PRO A 128 9.78 18.34 19.72
C PRO A 128 10.41 17.70 18.50
N LEU A 129 10.27 18.39 17.37
CA LEU A 129 11.03 18.11 16.16
C LEU A 129 12.12 19.17 16.11
N ALA A 130 13.29 18.81 16.62
CA ALA A 130 14.34 19.79 16.90
C ALA A 130 15.06 20.20 15.61
N PRO A 131 15.39 21.48 15.47
CA PRO A 131 16.23 21.89 14.34
C PRO A 131 17.64 21.37 14.54
N SER A 132 18.22 20.87 13.46
CA SER A 132 19.59 20.39 13.48
C SER A 132 20.28 20.83 12.21
N SER A 133 21.54 20.45 12.06
CA SER A 133 22.19 20.60 10.77
C SER A 133 21.58 19.69 9.72
N LYS A 134 20.86 18.64 10.15
CA LYS A 134 20.10 17.76 9.27
C LYS A 134 18.71 18.29 8.95
N SER A 135 18.38 19.49 9.44
CA SER A 135 17.17 20.22 9.08
C SER A 135 17.50 21.67 8.76
N THR A 136 18.63 21.91 8.10
CA THR A 136 19.10 23.24 7.72
C THR A 136 19.50 23.22 6.24
N SER A 137 18.52 23.44 5.36
CA SER A 137 18.77 23.56 3.92
C SER A 137 18.81 25.04 3.57
N GLY A 138 19.98 25.64 3.79
CA GLY A 138 20.18 27.06 3.56
C GLY A 138 21.21 27.64 4.52
N GLY A 139 20.92 28.79 5.10
CA GLY A 139 19.68 29.50 4.85
C GLY A 139 18.55 29.24 5.85
N THR A 140 17.74 28.22 5.53
CA THR A 140 16.52 27.92 6.26
C THR A 140 16.71 26.73 7.18
N ALA A 141 16.09 26.78 8.35
CA ALA A 141 16.03 25.65 9.27
C ALA A 141 14.58 25.26 9.50
N ALA A 142 14.32 23.96 9.63
CA ALA A 142 12.99 23.46 9.92
C ALA A 142 12.95 22.90 11.34
N LEU A 143 11.83 23.12 12.01
CA LEU A 143 11.62 22.59 13.35
C LEU A 143 10.12 22.40 13.50
N GLY A 144 9.71 21.70 14.56
CA GLY A 144 8.30 21.43 14.71
C GLY A 144 7.94 20.72 16.00
N CYS A 145 6.72 20.18 16.00
CA CYS A 145 6.13 19.46 17.11
C CYS A 145 5.36 18.27 16.59
N LEU A 146 5.53 17.14 17.25
CA LEU A 146 4.76 15.93 16.96
C LEU A 146 3.72 15.78 18.05
N VAL A 147 2.45 15.85 17.66
CA VAL A 147 1.32 15.76 18.57
C VAL A 147 0.73 14.37 18.39
N LYS A 148 0.96 13.49 19.37
CA LYS A 148 0.80 12.06 19.19
C LYS A 148 -0.20 11.50 20.19
N ASP A 149 -1.06 10.60 19.68
CA ASP A 149 -1.88 9.69 20.49
C ASP A 149 -2.98 10.44 21.27
N TYR A 150 -3.91 10.99 20.52
CA TYR A 150 -5.01 11.71 21.14
C TYR A 150 -6.33 11.32 20.50
N PHE A 151 -7.40 11.48 21.28
CA PHE A 151 -8.75 11.20 20.81
C PHE A 151 -9.75 12.00 21.63
N PRO A 152 -10.78 12.57 20.98
CA PRO A 152 -10.96 12.58 19.53
C PRO A 152 -10.33 13.80 18.90
N GLU A 153 -10.72 14.12 17.67
CA GLU A 153 -10.36 15.37 17.04
C GLU A 153 -11.21 16.51 17.58
N PRO A 154 -10.75 17.76 17.47
CA PRO A 154 -9.43 18.16 16.97
C PRO A 154 -8.46 18.64 18.06
N VAL A 155 -7.21 18.83 17.66
CA VAL A 155 -6.25 19.64 18.40
C VAL A 155 -6.06 20.94 17.64
N THR A 156 -5.63 21.98 18.36
CA THR A 156 -5.24 23.24 17.76
C THR A 156 -3.77 23.50 18.05
N VAL A 157 -3.04 24.00 17.05
CA VAL A 157 -1.61 24.27 17.18
C VAL A 157 -1.36 25.71 16.74
N SER A 158 -0.64 26.46 17.56
CA SER A 158 -0.11 27.77 17.17
C SER A 158 1.33 27.83 17.64
N TRP A 159 2.05 28.85 17.18
CA TRP A 159 3.46 29.00 17.47
C TRP A 159 3.70 30.37 18.07
N ASN A 160 4.38 30.40 19.22
CA ASN A 160 4.65 31.64 19.96
C ASN A 160 3.36 32.45 20.14
N SER A 161 2.25 31.75 20.40
CA SER A 161 0.98 32.38 20.74
C SER A 161 0.51 33.35 19.64
N GLY A 162 0.62 32.92 18.38
CA GLY A 162 0.17 33.71 17.26
C GLY A 162 1.18 34.71 16.71
N ALA A 163 2.35 34.87 17.34
CA ALA A 163 3.34 35.81 16.84
C ALA A 163 4.17 35.25 15.70
N LEU A 164 4.05 33.94 15.42
CA LEU A 164 4.80 33.27 14.36
C LEU A 164 3.80 32.52 13.51
N THR A 165 3.46 33.07 12.35
CA THR A 165 2.56 32.43 11.41
C THR A 165 3.20 32.18 10.04
N SER A 166 4.10 33.06 9.60
CA SER A 166 4.77 32.87 8.33
C SER A 166 5.65 31.63 8.36
N GLY A 167 5.46 30.75 7.38
CA GLY A 167 6.24 29.53 7.30
C GLY A 167 5.68 28.36 8.07
N VAL A 168 4.50 28.47 8.63
CA VAL A 168 3.93 27.40 9.45
C VAL A 168 3.12 26.47 8.58
N HIS A 169 3.18 25.17 8.89
CA HIS A 169 2.34 24.16 8.26
C HIS A 169 1.90 23.20 9.36
N THR A 170 0.59 22.97 9.45
CA THR A 170 0.05 21.98 10.38
C THR A 170 -0.69 20.94 9.57
N PHE A 171 -0.31 19.70 9.74
CA PHE A 171 -0.80 18.72 8.81
C PHE A 171 -2.08 18.08 9.33
N PRO A 172 -2.92 17.55 8.44
CA PRO A 172 -4.12 16.85 8.90
C PRO A 172 -3.73 15.64 9.72
N ALA A 173 -4.56 15.32 10.71
CA ALA A 173 -4.29 14.19 11.58
C ALA A 173 -4.45 12.89 10.80
N VAL A 174 -3.56 11.93 11.07
CA VAL A 174 -3.73 10.57 10.57
C VAL A 174 -4.25 9.73 11.72
N LEU A 175 -5.09 8.75 11.40
CA LEU A 175 -5.62 7.81 12.37
C LEU A 175 -4.67 6.61 12.44
N GLN A 176 -4.04 6.44 13.59
CA GLN A 176 -3.13 5.32 13.77
C GLN A 176 -3.90 4.02 14.00
N SER A 177 -3.19 2.91 13.91
CA SER A 177 -3.83 1.60 14.10
C SER A 177 -4.28 1.37 15.54
N SER A 178 -3.93 2.26 16.46
CA SER A 178 -4.37 2.17 17.85
C SER A 178 -5.74 2.81 18.08
N GLY A 179 -6.33 3.44 17.07
CA GLY A 179 -7.54 4.21 17.24
C GLY A 179 -7.32 5.67 17.60
N LEU A 180 -6.09 6.06 17.93
CA LEU A 180 -5.76 7.43 18.32
C LEU A 180 -5.12 8.18 17.16
N TYR A 181 -5.30 9.50 17.16
CA TYR A 181 -4.80 10.32 16.08
C TYR A 181 -3.43 10.86 16.42
N SER A 182 -2.75 11.35 15.39
CA SER A 182 -1.52 12.11 15.58
C SER A 182 -1.30 13.00 14.38
N LEU A 183 -0.66 14.14 14.62
CA LEU A 183 -0.34 15.07 13.55
C LEU A 183 0.98 15.74 13.89
N SER A 184 1.44 16.56 12.96
CA SER A 184 2.69 17.30 13.08
C SER A 184 2.45 18.74 12.68
N SER A 185 3.18 19.66 13.33
CA SER A 185 3.17 21.06 12.97
C SER A 185 4.61 21.51 12.84
N VAL A 186 4.93 22.15 11.72
CA VAL A 186 6.30 22.49 11.40
C VAL A 186 6.34 23.95 10.97
N VAL A 187 7.51 24.54 11.15
CA VAL A 187 7.74 25.91 10.71
C VAL A 187 9.17 25.99 10.18
N THR A 188 9.36 26.76 9.11
CA THR A 188 10.68 27.06 8.59
C THR A 188 11.08 28.47 9.02
N VAL A 189 12.31 28.60 9.50
CA VAL A 189 12.80 29.84 10.08
C VAL A 189 14.24 30.03 9.64
N PRO A 190 14.77 31.26 9.74
CA PRO A 190 16.18 31.47 9.44
C PRO A 190 17.06 30.75 10.44
N SER A 191 18.08 30.06 9.93
CA SER A 191 18.99 29.33 10.82
C SER A 191 19.82 30.27 11.68
N SER A 192 19.93 31.54 11.31
CA SER A 192 20.57 32.51 12.18
C SER A 192 19.73 32.83 13.41
N SER A 193 18.43 32.51 13.38
CA SER A 193 17.56 32.79 14.52
C SER A 193 17.74 31.76 15.64
N LEU A 194 18.17 30.55 15.31
CA LEU A 194 18.41 29.55 16.35
C LEU A 194 19.52 30.03 17.28
N GLY A 195 19.24 30.06 18.57
CA GLY A 195 20.14 30.58 19.56
C GLY A 195 19.80 31.96 20.06
N THR A 196 19.03 32.75 19.29
CA THR A 196 18.57 34.05 19.72
C THR A 196 17.05 34.16 19.83
N GLN A 197 16.29 33.30 19.16
CA GLN A 197 14.84 33.35 19.17
C GLN A 197 14.32 32.04 19.74
N THR A 198 13.39 32.13 20.70
CA THR A 198 12.78 30.94 21.27
C THR A 198 11.52 30.58 20.50
N TYR A 199 11.30 29.29 20.32
CA TYR A 199 10.16 28.78 19.56
C TYR A 199 9.36 27.86 20.44
N ILE A 200 8.07 28.17 20.61
CA ILE A 200 7.16 27.42 21.47
C ILE A 200 5.94 27.05 20.66
N CYS A 201 5.65 25.76 20.54
CA CYS A 201 4.41 25.32 19.93
C CYS A 201 3.36 25.15 21.03
N ASN A 202 2.21 25.79 20.82
CA ASN A 202 1.11 25.81 21.77
C ASN A 202 0.04 24.85 21.29
N VAL A 203 -0.22 23.81 22.07
CA VAL A 203 -1.14 22.74 21.67
C VAL A 203 -2.31 22.72 22.66
N ASN A 204 -3.52 22.73 22.11
CA ASN A 204 -4.73 22.62 22.90
C ASN A 204 -5.57 21.46 22.41
N HIS A 205 -6.17 20.74 23.36
CA HIS A 205 -7.05 19.63 23.06
C HIS A 205 -8.25 19.79 23.99
N LYS A 206 -9.28 20.44 23.49
CA LYS A 206 -10.49 20.72 24.27
C LYS A 206 -11.10 19.48 24.93
N PRO A 207 -11.35 18.38 24.22
CA PRO A 207 -12.10 17.27 24.86
C PRO A 207 -11.42 16.69 26.08
N SER A 208 -10.10 16.80 26.19
CA SER A 208 -9.39 16.31 27.37
C SER A 208 -8.89 17.43 28.27
N ASN A 209 -9.08 18.70 27.90
CA ASN A 209 -8.63 19.85 28.70
C ASN A 209 -7.11 19.87 28.82
N THR A 210 -6.44 19.50 27.73
CA THR A 210 -4.98 19.48 27.67
C THR A 210 -4.48 20.78 27.05
N LYS A 211 -3.54 21.42 27.73
CA LYS A 211 -2.83 22.57 27.18
C LYS A 211 -1.35 22.39 27.44
N VAL A 212 -0.56 22.42 26.38
CA VAL A 212 0.88 22.21 26.44
C VAL A 212 1.57 23.35 25.70
N ASP A 213 2.66 23.85 26.27
CA ASP A 213 3.49 24.87 25.63
C ASP A 213 4.92 24.31 25.60
N LYS A 214 5.28 23.65 24.49
CA LYS A 214 6.56 22.95 24.37
C LYS A 214 7.57 23.83 23.64
N LYS A 215 8.71 24.06 24.30
CA LYS A 215 9.81 24.84 23.75
C LYS A 215 10.70 23.92 22.92
N VAL A 216 10.86 24.25 21.64
CA VAL A 216 11.65 23.45 20.71
C VAL A 216 13.04 24.07 20.62
N GLU A 217 14.06 23.27 20.93
CA GLU A 217 15.40 23.82 21.06
C GLU A 217 16.37 23.16 20.09
N PRO A 218 17.42 23.87 19.69
CA PRO A 218 18.37 23.30 18.73
C PRO A 218 19.10 22.09 19.30
N LYS A 219 19.34 21.10 18.43
CA LYS A 219 20.08 19.88 18.73
C LYS A 219 19.60 19.17 20.00
N ASP B 1 -32.15 4.33 -10.82
CA ASP B 1 -30.91 4.61 -10.11
C ASP B 1 -29.66 4.24 -10.91
N ILE B 2 -28.99 5.28 -11.39
CA ILE B 2 -27.92 5.17 -12.38
C ILE B 2 -26.60 5.51 -11.70
N VAL B 3 -25.49 5.36 -12.42
CA VAL B 3 -24.17 5.74 -11.94
C VAL B 3 -23.68 6.94 -12.72
N MET B 4 -23.34 8.01 -12.02
CA MET B 4 -22.77 9.22 -12.62
C MET B 4 -21.25 9.17 -12.52
N THR B 5 -20.58 9.32 -13.66
CA THR B 5 -19.13 9.27 -13.73
C THR B 5 -18.61 10.66 -14.04
N GLN B 6 -17.75 11.18 -13.16
CA GLN B 6 -17.17 12.50 -13.35
C GLN B 6 -15.72 12.39 -13.78
N SER B 7 -15.38 13.14 -14.83
CA SER B 7 -14.01 13.21 -15.30
C SER B 7 -13.63 14.66 -15.55
N PRO B 8 -12.42 15.05 -15.15
CA PRO B 8 -11.49 14.17 -14.43
C PRO B 8 -11.73 14.24 -12.92
N ASP B 9 -11.08 13.38 -12.14
CA ASP B 9 -11.28 13.40 -10.70
C ASP B 9 -10.57 14.58 -10.06
N SER B 10 -9.62 15.16 -10.77
CA SER B 10 -8.79 16.25 -10.28
C SER B 10 -8.38 17.10 -11.47
N LEU B 11 -8.38 18.41 -11.28
CA LEU B 11 -8.19 19.33 -12.40
C LEU B 11 -7.44 20.55 -11.89
N ALA B 12 -6.27 20.82 -12.46
CA ALA B 12 -5.46 21.96 -12.07
C ALA B 12 -5.48 22.97 -13.21
N VAL B 13 -5.94 24.18 -12.91
CA VAL B 13 -6.18 25.22 -13.91
C VAL B 13 -5.41 26.47 -13.49
N SER B 14 -4.73 27.08 -14.46
CA SER B 14 -4.08 28.36 -14.21
C SER B 14 -5.13 29.43 -13.96
N LEU B 15 -4.76 30.39 -13.11
CA LEU B 15 -5.64 31.53 -12.82
C LEU B 15 -6.07 32.22 -14.10
N GLY B 16 -7.35 32.53 -14.20
CA GLY B 16 -7.87 33.17 -15.38
C GLY B 16 -8.16 32.24 -16.53
N GLU B 17 -7.82 30.96 -16.43
CA GLU B 17 -8.04 30.07 -17.56
C GLU B 17 -9.35 29.30 -17.37
N ARG B 18 -9.75 28.63 -18.45
CA ARG B 18 -11.03 27.92 -18.51
C ARG B 18 -10.91 26.53 -17.90
N ALA B 19 -11.91 26.15 -17.11
CA ALA B 19 -12.00 24.83 -16.51
C ALA B 19 -13.28 24.14 -16.98
N THR B 20 -13.16 22.88 -17.38
CA THR B 20 -14.28 22.09 -17.87
CA THR B 20 -14.29 22.10 -17.86
C THR B 20 -14.34 20.78 -17.12
N ILE B 21 -15.51 20.45 -16.58
CA ILE B 21 -15.74 19.21 -15.86
C ILE B 21 -16.82 18.44 -16.61
N ASN B 22 -16.59 17.14 -16.80
CA ASN B 22 -17.51 16.30 -17.54
C ASN B 22 -18.16 15.27 -16.61
N CYS B 23 -19.42 14.95 -16.91
CA CYS B 23 -20.19 14.01 -16.10
C CYS B 23 -21.10 13.25 -17.04
N LYS B 24 -21.02 11.92 -17.03
CA LYS B 24 -21.89 11.09 -17.87
C LYS B 24 -22.55 10.00 -17.04
N SER B 25 -23.80 9.72 -17.37
CA SER B 25 -24.56 8.66 -16.73
C SER B 25 -24.33 7.35 -17.47
N SER B 26 -24.37 6.25 -16.73
CA SER B 26 -24.22 4.93 -17.35
C SER B 26 -25.45 4.51 -18.14
N GLN B 27 -26.51 5.31 -18.15
CA GLN B 27 -27.67 5.05 -18.98
C GLN B 27 -27.80 6.11 -20.09
N LYS B 36 -37.14 16.82 -19.74
CA LYS B 36 -35.84 17.44 -19.97
C LYS B 36 -34.72 16.78 -19.16
N ASN B 37 -33.62 17.49 -18.97
CA ASN B 37 -32.42 16.96 -18.33
C ASN B 37 -32.34 17.49 -16.91
N TYR B 38 -32.51 16.60 -15.92
CA TYR B 38 -32.36 16.99 -14.52
C TYR B 38 -30.95 16.68 -14.07
N LEU B 39 -30.03 17.53 -14.48
CA LEU B 39 -28.67 17.50 -13.96
C LEU B 39 -28.44 18.77 -13.15
N ALA B 40 -27.81 18.60 -12.00
CA ALA B 40 -27.47 19.73 -11.13
C ALA B 40 -25.98 19.67 -10.81
N TRP B 41 -25.38 20.84 -10.64
CA TRP B 41 -23.97 20.94 -10.27
C TRP B 41 -23.85 21.66 -8.93
N TYR B 42 -22.91 21.18 -8.09
CA TYR B 42 -22.71 21.69 -6.75
C TYR B 42 -21.24 22.00 -6.51
N GLN B 43 -21.00 23.00 -5.66
CA GLN B 43 -19.67 23.40 -5.24
C GLN B 43 -19.50 23.13 -3.75
N GLN B 44 -18.45 22.41 -3.37
CA GLN B 44 -18.19 22.14 -1.96
C GLN B 44 -16.81 22.61 -1.55
N LYS B 45 -16.76 23.44 -0.53
CA LYS B 45 -15.56 23.93 0.11
C LYS B 45 -15.37 23.25 1.46
N PRO B 46 -14.16 23.30 2.04
CA PRO B 46 -13.93 22.57 3.30
C PRO B 46 -14.85 23.02 4.42
N GLY B 47 -15.32 22.06 5.20
CA GLY B 47 -16.17 22.33 6.35
C GLY B 47 -17.56 22.81 6.02
N GLN B 48 -17.98 22.74 4.77
CA GLN B 48 -19.26 23.31 4.40
C GLN B 48 -20.08 22.30 3.60
N PRO B 49 -21.41 22.40 3.65
CA PRO B 49 -22.24 21.54 2.81
C PRO B 49 -22.10 21.93 1.36
N PRO B 50 -22.42 21.05 0.43
CA PRO B 50 -22.43 21.44 -0.98
C PRO B 50 -23.38 22.60 -1.22
N LYS B 51 -23.02 23.45 -2.18
CA LYS B 51 -23.82 24.62 -2.53
C LYS B 51 -24.27 24.51 -3.97
N LEU B 52 -25.57 24.62 -4.20
CA LEU B 52 -26.11 24.44 -5.55
C LEU B 52 -25.66 25.59 -6.46
N LEU B 53 -25.03 25.23 -7.58
CA LEU B 53 -24.62 26.17 -8.61
C LEU B 53 -25.56 26.18 -9.80
N ILE B 54 -25.84 25.01 -10.40
CA ILE B 54 -26.58 24.87 -11.64
C ILE B 54 -27.65 23.80 -11.45
N TYR B 55 -28.85 24.06 -11.94
CA TYR B 55 -29.90 23.05 -12.02
C TYR B 55 -30.53 23.06 -13.41
N TRP B 56 -31.27 22.00 -13.72
CA TRP B 56 -31.83 21.77 -15.06
C TRP B 56 -30.73 21.89 -16.13
N ALA B 57 -29.56 21.32 -15.81
CA ALA B 57 -28.40 21.22 -16.69
C ALA B 57 -27.72 22.55 -16.96
N SER B 58 -28.48 23.63 -17.03
CA SER B 58 -27.92 24.89 -17.51
C SER B 58 -28.50 26.12 -16.83
N THR B 59 -29.46 25.98 -15.92
CA THR B 59 -30.02 27.15 -15.27
C THR B 59 -29.22 27.46 -14.02
N ARG B 60 -28.75 28.70 -13.92
CA ARG B 60 -27.87 29.13 -12.87
C ARG B 60 -28.68 29.61 -11.66
N GLU B 61 -28.31 29.12 -10.49
CA GLU B 61 -28.91 29.56 -9.23
C GLU B 61 -28.64 31.07 -9.01
N SER B 62 -29.51 31.68 -8.21
CA SER B 62 -29.38 33.10 -7.92
C SER B 62 -28.10 33.39 -7.14
N GLY B 63 -27.47 34.52 -7.44
CA GLY B 63 -26.22 34.89 -6.80
C GLY B 63 -24.99 34.14 -7.27
N VAL B 64 -25.10 33.35 -8.34
CA VAL B 64 -23.99 32.52 -8.84
C VAL B 64 -23.35 33.25 -10.00
N PRO B 65 -22.07 33.58 -9.93
CA PRO B 65 -21.42 34.40 -10.96
C PRO B 65 -21.61 33.85 -12.37
N ASP B 66 -21.58 34.77 -13.35
CA ASP B 66 -21.82 34.42 -14.74
C ASP B 66 -20.78 33.45 -15.30
N ARG B 67 -19.57 33.45 -14.73
CA ARG B 67 -18.51 32.59 -15.26
C ARG B 67 -18.80 31.10 -15.08
N PHE B 68 -19.87 30.74 -14.39
CA PHE B 68 -20.29 29.35 -14.26
C PHE B 68 -21.40 29.06 -15.27
N SER B 69 -21.23 28.02 -16.07
CA SER B 69 -22.26 27.59 -17.00
C SER B 69 -22.20 26.09 -17.18
N GLY B 70 -23.37 25.50 -17.46
CA GLY B 70 -23.46 24.09 -17.75
C GLY B 70 -24.19 23.88 -19.05
N SER B 71 -23.99 22.70 -19.62
CA SER B 71 -24.57 22.35 -20.91
C SER B 71 -24.54 20.83 -21.08
N GLY B 72 -25.12 20.37 -22.17
CA GLY B 72 -25.22 18.95 -22.46
C GLY B 72 -26.67 18.49 -22.45
N SER B 73 -26.85 17.28 -22.97
CA SER B 73 -28.16 16.69 -23.07
C SER B 73 -28.03 15.18 -23.05
N GLY B 74 -29.13 14.51 -22.70
CA GLY B 74 -29.16 13.06 -22.67
C GLY B 74 -28.26 12.46 -21.62
N THR B 75 -27.01 12.16 -22.00
CA THR B 75 -26.08 11.46 -21.12
C THR B 75 -24.74 12.15 -20.93
N ASP B 76 -24.40 13.17 -21.72
CA ASP B 76 -23.17 13.92 -21.58
C ASP B 76 -23.47 15.31 -21.05
N PHE B 77 -22.72 15.75 -20.04
CA PHE B 77 -22.98 17.04 -19.41
C PHE B 77 -21.66 17.66 -18.98
N THR B 78 -21.63 19.00 -19.03
CA THR B 78 -20.40 19.74 -18.84
C THR B 78 -20.65 20.93 -17.91
N LEU B 79 -19.73 21.14 -16.96
CA LEU B 79 -19.64 22.36 -16.18
C LEU B 79 -18.43 23.13 -16.64
N THR B 80 -18.59 24.44 -16.85
CA THR B 80 -17.52 25.29 -17.36
C THR B 80 -17.37 26.51 -16.47
N ILE B 81 -16.14 26.74 -16.00
CA ILE B 81 -15.74 27.98 -15.34
C ILE B 81 -14.85 28.73 -16.31
N SER B 82 -15.35 29.84 -16.86
CA SER B 82 -14.67 30.46 -17.99
C SER B 82 -13.40 31.18 -17.60
N SER B 83 -13.32 31.71 -16.37
CA SER B 83 -12.14 32.44 -15.89
C SER B 83 -11.95 32.07 -14.43
N LEU B 84 -11.06 31.12 -14.16
CA LEU B 84 -10.91 30.55 -12.83
C LEU B 84 -10.38 31.59 -11.85
N GLN B 85 -11.09 31.78 -10.75
CA GLN B 85 -10.64 32.64 -9.68
C GLN B 85 -10.23 31.81 -8.48
N ALA B 86 -9.43 32.44 -7.60
CA ALA B 86 -8.93 31.71 -6.44
C ALA B 86 -10.06 31.15 -5.58
N GLU B 87 -11.15 31.90 -5.47
CA GLU B 87 -12.32 31.47 -4.70
C GLU B 87 -13.04 30.28 -5.32
N ASP B 88 -12.76 29.93 -6.58
CA ASP B 88 -13.44 28.80 -7.20
C ASP B 88 -12.77 27.46 -6.92
N VAL B 89 -11.65 27.46 -6.21
CA VAL B 89 -11.02 26.22 -5.77
C VAL B 89 -11.98 25.52 -4.80
N ALA B 90 -12.40 24.30 -5.16
CA ALA B 90 -13.38 23.52 -4.41
C ALA B 90 -13.52 22.16 -5.09
N VAL B 91 -14.40 21.32 -4.52
CA VAL B 91 -14.81 20.08 -5.16
C VAL B 91 -16.19 20.29 -5.79
N TYR B 92 -16.35 19.85 -7.02
CA TYR B 92 -17.59 20.00 -7.77
C TYR B 92 -18.24 18.64 -7.98
N TYR B 93 -19.54 18.55 -7.71
CA TYR B 93 -20.29 17.33 -7.92
C TYR B 93 -21.40 17.57 -8.92
N CYS B 94 -21.64 16.59 -9.78
CA CYS B 94 -22.86 16.57 -10.54
C CYS B 94 -23.87 15.67 -9.81
N GLN B 95 -25.14 15.89 -10.11
CA GLN B 95 -26.18 15.08 -9.50
C GLN B 95 -27.32 14.92 -10.48
N GLN B 96 -27.76 13.68 -10.68
CA GLN B 96 -28.95 13.38 -11.46
C GLN B 96 -29.80 12.42 -10.64
N TYR B 97 -31.05 12.81 -10.41
CA TYR B 97 -31.95 12.09 -9.49
C TYR B 97 -31.22 12.03 -8.15
N TYR B 98 -31.12 10.86 -7.52
CA TYR B 98 -30.47 10.77 -6.21
C TYR B 98 -29.15 10.01 -6.30
N SER B 99 -28.44 10.20 -7.40
CA SER B 99 -27.10 9.66 -7.59
C SER B 99 -26.15 10.82 -7.77
N PHE B 100 -25.06 10.82 -7.02
CA PHE B 100 -24.04 11.84 -7.12
C PHE B 100 -22.83 11.33 -7.88
N GLY B 101 -22.16 12.24 -8.58
CA GLY B 101 -20.87 11.93 -9.14
C GLY B 101 -19.82 11.82 -8.06
N GLY B 102 -18.69 11.23 -8.43
CA GLY B 102 -17.61 11.01 -7.47
C GLY B 102 -16.93 12.27 -7.00
N GLY B 103 -17.07 13.37 -7.73
CA GLY B 103 -16.47 14.64 -7.40
C GLY B 103 -15.28 14.95 -8.29
N THR B 104 -15.04 16.24 -8.50
CA THR B 104 -13.86 16.73 -9.20
C THR B 104 -13.24 17.82 -8.35
N LYS B 105 -12.00 17.61 -7.93
CA LYS B 105 -11.30 18.60 -7.13
C LYS B 105 -10.57 19.57 -8.05
N VAL B 106 -10.84 20.86 -7.88
CA VAL B 106 -10.33 21.91 -8.75
C VAL B 106 -9.33 22.73 -7.95
N GLU B 107 -8.11 22.84 -8.45
CA GLU B 107 -7.02 23.52 -7.77
C GLU B 107 -6.31 24.49 -8.71
N ILE B 108 -5.44 25.31 -8.14
CA ILE B 108 -4.64 26.24 -8.92
C ILE B 108 -3.43 25.50 -9.50
N LYS B 109 -3.24 25.61 -10.80
CA LYS B 109 -2.00 25.16 -11.42
C LYS B 109 -0.95 26.28 -11.35
N ARG B 110 0.25 25.92 -10.91
CA ARG B 110 1.41 26.82 -10.86
C ARG B 110 2.61 26.05 -11.40
N THR B 111 3.74 26.75 -11.54
CA THR B 111 4.93 26.06 -12.00
C THR B 111 5.44 25.08 -10.95
N VAL B 112 6.43 24.31 -11.36
CA VAL B 112 6.94 23.23 -10.54
C VAL B 112 7.83 23.81 -9.44
N ALA B 113 7.62 23.34 -8.21
CA ALA B 113 8.52 23.67 -7.11
C ALA B 113 8.97 22.38 -6.47
N ALA B 114 10.29 22.20 -6.40
CA ALA B 114 10.84 21.01 -5.79
C ALA B 114 10.71 21.10 -4.27
N PRO B 115 10.51 19.97 -3.61
CA PRO B 115 10.41 19.99 -2.14
C PRO B 115 11.75 20.22 -1.50
N SER B 116 11.74 20.91 -0.36
CA SER B 116 12.87 20.93 0.55
C SER B 116 12.66 19.82 1.57
N VAL B 117 13.65 18.94 1.73
CA VAL B 117 13.49 17.71 2.49
C VAL B 117 14.26 17.80 3.79
N PHE B 118 13.55 17.62 4.91
CA PHE B 118 14.13 17.56 6.25
C PHE B 118 13.76 16.24 6.92
N ILE B 119 14.67 15.71 7.73
CA ILE B 119 14.40 14.53 8.54
C ILE B 119 14.64 14.89 10.00
N PHE B 120 13.85 14.29 10.88
CA PHE B 120 13.93 14.53 12.33
C PHE B 120 14.00 13.18 13.04
N PRO B 121 15.08 12.89 13.75
CA PRO B 121 15.12 11.68 14.59
C PRO B 121 14.16 11.78 15.76
N PRO B 122 13.88 10.68 16.45
CA PRO B 122 12.99 10.76 17.61
C PRO B 122 13.62 11.57 18.74
N SER B 123 12.78 12.36 19.41
CA SER B 123 13.20 13.09 20.60
C SER B 123 13.53 12.13 21.74
N ASP B 124 14.39 12.58 22.65
CA ASP B 124 14.67 11.78 23.83
C ASP B 124 13.43 11.63 24.71
N GLU B 125 12.57 12.65 24.75
CA GLU B 125 11.34 12.55 25.52
C GLU B 125 10.48 11.38 25.04
N GLN B 126 10.38 11.18 23.72
CA GLN B 126 9.55 10.10 23.21
C GLN B 126 10.13 8.74 23.54
N LEU B 127 11.47 8.60 23.50
CA LEU B 127 12.08 7.30 23.69
C LEU B 127 11.80 6.74 25.08
N LYS B 128 11.55 7.61 26.07
CA LYS B 128 11.21 7.10 27.40
C LYS B 128 9.84 6.43 27.42
N SER B 129 8.95 6.79 26.49
CA SER B 129 7.58 6.28 26.49
C SER B 129 7.44 4.92 25.83
N GLY B 130 8.44 4.45 25.09
CA GLY B 130 8.43 3.12 24.52
C GLY B 130 8.37 3.05 23.01
N THR B 131 7.99 4.14 22.33
CA THR B 131 7.94 4.14 20.88
C THR B 131 8.91 5.20 20.33
N ALA B 132 9.13 5.13 19.02
CA ALA B 132 10.05 6.01 18.33
C ALA B 132 9.44 6.41 17.00
N SER B 133 9.35 7.71 16.75
CA SER B 133 8.80 8.24 15.50
C SER B 133 9.87 9.04 14.77
N VAL B 134 10.20 8.62 13.55
CA VAL B 134 11.06 9.39 12.66
C VAL B 134 10.16 10.11 11.66
N VAL B 135 10.41 11.41 11.47
CA VAL B 135 9.56 12.26 10.64
C VAL B 135 10.38 12.79 9.46
N CYS B 136 9.84 12.62 8.26
CA CYS B 136 10.38 13.20 7.03
C CYS B 136 9.44 14.31 6.58
N LEU B 137 9.99 15.51 6.35
CA LEU B 137 9.19 16.65 5.93
C LEU B 137 9.59 17.07 4.52
N LEU B 138 8.61 17.12 3.61
CA LEU B 138 8.78 17.69 2.27
C LEU B 138 7.99 18.99 2.25
N ASN B 139 8.68 20.11 2.18
CA ASN B 139 8.08 21.42 2.36
C ASN B 139 7.94 22.15 1.02
N ASN B 140 6.76 22.74 0.78
CA ASN B 140 6.50 23.74 -0.27
C ASN B 140 6.88 23.23 -1.66
N PHE B 141 6.12 22.25 -2.14
CA PHE B 141 6.38 21.68 -3.45
C PHE B 141 5.12 21.72 -4.32
N TYR B 142 5.33 21.52 -5.62
CA TYR B 142 4.24 21.44 -6.59
C TYR B 142 4.76 20.70 -7.83
N PRO B 143 3.94 19.80 -8.41
CA PRO B 143 2.59 19.43 -7.93
C PRO B 143 2.61 18.43 -6.79
N ARG B 144 1.43 17.89 -6.48
CA ARG B 144 1.21 17.11 -5.28
C ARG B 144 1.92 15.77 -5.32
N GLU B 145 2.00 15.16 -6.49
N GLU B 145 2.00 15.15 -6.51
CA GLU B 145 2.51 13.80 -6.62
CA GLU B 145 2.54 13.80 -6.65
C GLU B 145 3.94 13.70 -6.13
C GLU B 145 3.96 13.73 -6.12
N ALA B 146 4.18 12.81 -5.18
CA ALA B 146 5.48 12.64 -4.55
C ALA B 146 5.52 11.25 -3.94
N LYS B 147 6.69 10.63 -4.02
CA LYS B 147 6.89 9.28 -3.49
C LYS B 147 7.96 9.35 -2.41
N VAL B 148 7.58 9.00 -1.18
CA VAL B 148 8.50 8.94 -0.05
C VAL B 148 8.69 7.48 0.33
N GLN B 149 9.96 7.06 0.43
CA GLN B 149 10.28 5.69 0.79
C GLN B 149 11.26 5.68 1.95
N TRP B 150 10.93 4.91 2.98
CA TRP B 150 11.77 4.79 4.17
C TRP B 150 12.73 3.63 4.01
N LYS B 151 14.00 3.87 4.35
CA LYS B 151 15.01 2.83 4.34
C LYS B 151 15.74 2.85 5.66
N VAL B 152 15.93 1.67 6.25
CA VAL B 152 16.57 1.49 7.54
C VAL B 152 17.68 0.48 7.34
N ASP B 153 18.94 0.92 7.49
CA ASP B 153 20.11 0.09 7.16
C ASP B 153 19.98 -0.51 5.76
N ASN B 154 19.52 0.31 4.82
CA ASN B 154 19.34 -0.01 3.40
C ASN B 154 18.15 -0.91 3.11
N ALA B 155 17.31 -1.21 4.10
CA ALA B 155 16.15 -2.09 3.93
C ALA B 155 14.90 -1.24 3.71
N LEU B 156 14.24 -1.43 2.57
CA LEU B 156 13.02 -0.69 2.30
C LEU B 156 11.91 -1.11 3.25
N GLN B 157 11.24 -0.13 3.86
CA GLN B 157 10.19 -0.37 4.84
C GLN B 157 8.83 -0.47 4.18
N SER B 158 7.92 -1.17 4.85
CA SER B 158 6.58 -1.36 4.32
C SER B 158 5.60 -1.53 5.48
N GLY B 159 4.51 -0.78 5.45
CA GLY B 159 3.43 -0.92 6.40
C GLY B 159 3.67 -0.30 7.75
N ASN B 160 4.74 0.47 7.92
CA ASN B 160 5.05 1.12 9.19
C ASN B 160 5.23 2.63 9.03
N SER B 161 4.59 3.24 8.03
CA SER B 161 4.64 4.68 7.88
C SER B 161 3.28 5.21 7.47
N GLN B 162 3.04 6.49 7.81
CA GLN B 162 1.81 7.18 7.43
C GLN B 162 2.16 8.56 6.90
N GLU B 163 1.41 8.99 5.90
CA GLU B 163 1.64 10.24 5.21
C GLU B 163 0.47 11.18 5.41
N SER B 164 0.75 12.48 5.41
CA SER B 164 -0.28 13.50 5.50
C SER B 164 0.13 14.68 4.63
N VAL B 165 -0.80 15.18 3.82
CA VAL B 165 -0.55 16.28 2.90
C VAL B 165 -1.43 17.46 3.28
N THR B 166 -0.86 18.67 3.26
CA THR B 166 -1.66 19.86 3.46
C THR B 166 -2.52 20.14 2.25
N GLU B 167 -3.55 20.96 2.44
CA GLU B 167 -4.26 21.49 1.28
C GLU B 167 -3.38 22.53 0.60
N GLN B 168 -3.76 22.87 -0.62
CA GLN B 168 -2.99 23.83 -1.39
C GLN B 168 -2.89 25.16 -0.66
N ASP B 169 -1.67 25.64 -0.50
CA ASP B 169 -1.43 26.90 0.22
C ASP B 169 -2.15 28.06 -0.49
N SER B 170 -2.91 28.81 0.29
CA SER B 170 -3.62 29.96 -0.28
C SER B 170 -2.67 31.01 -0.82
N LYS B 171 -1.48 31.14 -0.21
CA LYS B 171 -0.54 32.20 -0.61
C LYS B 171 0.23 31.82 -1.89
N ASP B 172 1.00 30.73 -1.86
CA ASP B 172 1.87 30.41 -2.99
C ASP B 172 1.46 29.16 -3.76
N SER B 173 0.35 28.52 -3.38
CA SER B 173 -0.25 27.39 -4.08
C SER B 173 0.59 26.11 -4.06
N THR B 174 1.50 25.96 -3.10
CA THR B 174 2.29 24.74 -2.95
C THR B 174 1.64 23.79 -1.96
N TYR B 175 2.19 22.58 -1.90
CA TYR B 175 1.80 21.58 -0.92
C TYR B 175 2.97 21.26 -0.02
N SER B 176 2.65 20.69 1.14
CA SER B 176 3.65 20.15 2.03
C SER B 176 3.21 18.75 2.44
N LEU B 177 4.19 17.92 2.78
CA LEU B 177 3.89 16.55 3.11
C LEU B 177 4.77 16.13 4.27
N SER B 178 4.21 15.34 5.17
N SER B 178 4.20 15.37 5.20
CA SER B 178 4.91 14.80 6.32
CA SER B 178 4.94 14.82 6.34
C SER B 178 4.68 13.30 6.34
C SER B 178 4.69 13.33 6.41
N SER B 179 5.76 12.53 6.38
CA SER B 179 5.69 11.09 6.56
C SER B 179 6.33 10.71 7.88
N THR B 180 5.69 9.79 8.59
CA THR B 180 6.16 9.37 9.90
C THR B 180 6.37 7.87 9.90
N LEU B 181 7.60 7.44 10.18
CA LEU B 181 7.94 6.04 10.35
C LEU B 181 7.88 5.72 11.84
N THR B 182 7.04 4.76 12.21
CA THR B 182 6.82 4.42 13.62
C THR B 182 7.43 3.05 13.93
N LEU B 183 8.34 3.02 14.91
CA LEU B 183 8.98 1.80 15.36
C LEU B 183 8.93 1.73 16.87
N SER B 184 8.92 0.50 17.41
CA SER B 184 9.10 0.35 18.84
C SER B 184 10.52 0.78 19.22
N LYS B 185 10.71 1.11 20.50
CA LYS B 185 12.04 1.52 20.92
C LYS B 185 13.08 0.43 20.65
N ALA B 186 12.70 -0.83 20.89
CA ALA B 186 13.63 -1.93 20.67
C ALA B 186 14.08 -1.97 19.21
N ASP B 187 13.13 -1.99 18.28
CA ASP B 187 13.50 -2.02 16.86
C ASP B 187 14.34 -0.82 16.48
N TYR B 188 14.04 0.36 17.06
CA TYR B 188 14.78 1.56 16.70
C TYR B 188 16.22 1.50 17.17
N GLU B 189 16.48 0.93 18.34
CA GLU B 189 17.83 0.87 18.90
C GLU B 189 18.68 -0.25 18.32
N LYS B 190 18.14 -1.10 17.44
CA LYS B 190 18.92 -2.19 16.84
C LYS B 190 19.27 -1.93 15.38
N HIS B 191 19.18 -0.68 14.93
CA HIS B 191 19.60 -0.27 13.59
C HIS B 191 20.25 1.10 13.67
N LYS B 192 21.06 1.41 12.64
CA LYS B 192 21.95 2.57 12.68
C LYS B 192 21.54 3.70 11.75
N VAL B 193 21.31 3.43 10.47
CA VAL B 193 21.06 4.48 9.48
C VAL B 193 19.58 4.50 9.12
N TYR B 194 18.95 5.66 9.27
CA TYR B 194 17.57 5.86 8.89
C TYR B 194 17.54 6.91 7.79
N ALA B 195 16.81 6.63 6.72
CA ALA B 195 16.78 7.53 5.57
C ALA B 195 15.41 7.53 4.91
N CYS B 196 14.95 8.71 4.48
CA CYS B 196 13.79 8.82 3.60
CA CYS B 196 13.80 8.83 3.61
C CYS B 196 14.25 9.33 2.24
N GLU B 197 13.89 8.60 1.19
CA GLU B 197 14.22 8.96 -0.18
C GLU B 197 12.98 9.52 -0.85
N VAL B 198 13.11 10.72 -1.41
CA VAL B 198 11.99 11.51 -1.93
C VAL B 198 12.11 11.59 -3.45
N THR B 199 11.02 11.27 -4.14
CA THR B 199 10.96 11.41 -5.60
C THR B 199 9.89 12.44 -5.95
N HIS B 200 10.27 13.39 -6.81
CA HIS B 200 9.35 14.44 -7.21
C HIS B 200 9.86 15.06 -8.50
N GLN B 201 8.95 15.45 -9.39
CA GLN B 201 9.40 15.88 -10.71
C GLN B 201 10.26 17.12 -10.67
N GLY B 202 10.22 17.90 -9.59
CA GLY B 202 11.10 19.06 -9.52
C GLY B 202 12.54 18.73 -9.23
N LEU B 203 12.89 17.46 -9.03
CA LEU B 203 14.23 17.03 -8.68
C LEU B 203 14.87 16.28 -9.83
N ARG B 204 16.10 16.64 -10.18
CA ARG B 204 16.81 15.95 -11.26
C ARG B 204 16.97 14.47 -10.96
N SER B 205 17.26 14.13 -9.71
CA SER B 205 17.31 12.76 -9.23
C SER B 205 16.74 12.74 -7.82
N PRO B 206 16.33 11.57 -7.32
CA PRO B 206 15.75 11.53 -5.98
C PRO B 206 16.73 12.00 -4.91
N VAL B 207 16.18 12.44 -3.80
CA VAL B 207 16.92 13.07 -2.72
C VAL B 207 16.77 12.22 -1.48
N THR B 208 17.88 12.00 -0.78
CA THR B 208 17.89 11.20 0.43
C THR B 208 18.44 12.05 1.57
N LYS B 209 17.65 12.19 2.63
CA LYS B 209 18.12 12.75 3.89
C LYS B 209 18.15 11.62 4.90
N SER B 210 19.22 11.56 5.69
CA SER B 210 19.41 10.44 6.59
C SER B 210 20.12 10.93 7.84
N PHE B 211 20.23 10.04 8.81
CA PHE B 211 21.01 10.28 10.01
C PHE B 211 21.43 8.94 10.55
N ASN B 212 22.53 8.95 11.31
CA ASN B 212 22.94 7.80 12.12
C ASN B 212 22.39 8.02 13.51
N ARG B 213 21.63 7.05 14.01
CA ARG B 213 21.18 7.08 15.41
C ARG B 213 22.39 7.27 16.32
N GLY B 214 22.36 8.31 17.14
CA GLY B 214 23.49 8.66 17.98
C GLY B 214 24.04 10.05 17.71
N ASP C 1 34.01 -25.87 39.42
CA ASP C 1 35.27 -26.11 40.11
C ASP C 1 36.39 -26.34 39.08
N THR C 2 36.13 -27.25 38.16
CA THR C 2 37.12 -27.65 37.15
C THR C 2 36.42 -27.84 35.81
N ILE C 3 37.07 -27.39 34.74
CA ILE C 3 36.60 -27.62 33.38
C ILE C 3 37.43 -28.74 32.77
N THR C 4 36.79 -29.87 32.45
CA THR C 4 37.46 -31.04 31.91
C THR C 4 37.15 -31.15 30.43
N LEU C 5 38.20 -31.09 29.60
CA LEU C 5 38.05 -31.16 28.15
C LEU C 5 38.31 -32.56 27.67
N PRO C 6 37.38 -33.20 26.96
CA PRO C 6 37.66 -34.52 26.40
C PRO C 6 38.66 -34.43 25.26
N CYS C 7 39.62 -35.36 25.25
CA CYS C 7 40.71 -35.35 24.30
C CYS C 7 40.89 -36.73 23.70
N ARG C 8 41.13 -36.78 22.39
CA ARG C 8 41.43 -38.03 21.71
C ARG C 8 42.64 -37.84 20.80
N PRO C 9 43.68 -38.68 20.98
CA PRO C 9 43.76 -39.72 22.02
C PRO C 9 44.09 -39.14 23.40
N ALA C 10 44.31 -40.00 24.39
CA ALA C 10 44.58 -39.55 25.75
C ALA C 10 45.99 -38.98 25.87
N PRO C 11 46.15 -37.69 26.12
CA PRO C 11 47.49 -37.10 26.26
C PRO C 11 48.17 -37.58 27.54
N PRO C 12 49.47 -37.91 27.47
CA PRO C 12 50.21 -38.30 28.68
C PRO C 12 50.38 -37.14 29.63
N PRO C 13 50.65 -37.42 30.92
CA PRO C 13 50.75 -36.33 31.90
C PRO C 13 51.84 -35.31 31.60
N HIS C 14 52.93 -35.71 30.94
CA HIS C 14 54.01 -34.77 30.61
C HIS C 14 53.62 -33.82 29.50
N CYS C 15 52.47 -34.00 28.87
CA CYS C 15 51.99 -33.05 27.87
C CYS C 15 51.21 -31.90 28.48
N SER C 16 51.04 -31.88 29.80
CA SER C 16 50.48 -30.73 30.47
C SER C 16 51.33 -29.50 30.18
N SER C 17 50.68 -28.41 29.79
CA SER C 17 51.37 -27.20 29.39
C SER C 17 50.73 -26.01 30.07
N ASN C 18 51.21 -24.82 29.72
CA ASN C 18 50.62 -23.56 30.16
C ASN C 18 49.97 -22.88 28.97
N ILE C 19 48.74 -22.44 29.16
CA ILE C 19 48.07 -21.62 28.15
C ILE C 19 48.59 -20.20 28.30
N THR C 20 49.25 -19.70 27.26
CA THR C 20 49.80 -18.35 27.25
C THR C 20 49.02 -17.40 26.35
N GLY C 21 48.13 -17.90 25.51
CA GLY C 21 47.33 -17.02 24.69
C GLY C 21 46.33 -17.82 23.89
N LEU C 22 45.52 -17.09 23.12
CA LEU C 22 44.57 -17.71 22.22
C LEU C 22 44.33 -16.80 21.03
N ILE C 23 43.58 -17.31 20.06
CA ILE C 23 43.35 -16.62 18.80
C ILE C 23 41.87 -16.75 18.46
N LEU C 24 41.23 -15.62 18.19
CA LEU C 24 39.78 -15.54 18.06
C LEU C 24 39.38 -14.94 16.73
N THR C 25 38.17 -15.30 16.30
CA THR C 25 37.50 -14.70 15.15
C THR C 25 36.29 -13.92 15.66
N ARG C 26 36.11 -12.68 15.16
CA ARG C 26 34.95 -11.87 15.52
C ARG C 26 33.80 -12.18 14.58
N GLN C 27 32.64 -12.49 15.14
CA GLN C 27 31.48 -12.83 14.31
C GLN C 27 30.92 -11.58 13.65
N GLY C 28 30.72 -11.66 12.33
CA GLY C 28 30.12 -10.56 11.62
C GLY C 28 28.60 -10.64 11.63
N GLY C 29 27.97 -9.50 11.48
CA GLY C 29 26.53 -9.46 11.50
C GLY C 29 26.01 -8.09 11.85
N TYR C 30 24.76 -7.85 11.47
CA TYR C 30 24.13 -6.54 11.61
C TYR C 30 23.68 -6.31 13.05
N SER C 31 24.66 -6.39 13.96
CA SER C 31 24.47 -6.09 15.37
C SER C 31 23.43 -7.00 16.03
N ASN C 32 22.23 -6.46 16.24
CA ASN C 32 21.11 -6.95 17.07
C ASN C 32 21.15 -6.22 18.41
N ALA C 33 21.51 -6.93 19.48
CA ALA C 33 21.86 -6.24 20.71
C ALA C 33 23.25 -5.62 20.58
N ASN C 34 23.54 -4.67 21.46
CA ASN C 34 24.84 -3.99 21.43
C ASN C 34 25.93 -4.88 22.03
N THR C 35 26.11 -6.03 21.39
CA THR C 35 27.07 -7.04 21.83
C THR C 35 28.01 -7.38 20.68
N VAL C 36 29.17 -7.93 21.02
CA VAL C 36 30.13 -8.43 20.05
C VAL C 36 30.48 -9.86 20.43
N ILE C 37 30.41 -10.77 19.46
CA ILE C 37 30.60 -12.19 19.67
C ILE C 37 31.99 -12.60 19.19
N PHE C 38 32.66 -13.46 19.97
CA PHE C 38 33.93 -14.03 19.56
C PHE C 38 33.89 -15.54 19.70
N ARG C 39 34.60 -16.21 18.79
CA ARG C 39 34.73 -17.65 18.75
C ARG C 39 36.19 -17.96 18.52
N PRO C 40 36.66 -19.16 18.86
CA PRO C 40 38.02 -19.55 18.48
C PRO C 40 38.19 -19.46 16.97
N SER C 41 39.42 -19.14 16.55
CA SER C 41 39.64 -18.64 15.19
C SER C 41 39.09 -19.60 14.14
N GLY C 42 38.39 -19.03 13.15
CA GLY C 42 37.98 -19.74 11.97
C GLY C 42 39.00 -19.73 10.86
N GLY C 43 40.21 -19.26 11.12
CA GLY C 43 41.29 -19.25 10.15
C GLY C 43 42.05 -20.55 10.12
N ASP C 44 43.32 -20.46 9.72
CA ASP C 44 44.17 -21.64 9.58
C ASP C 44 45.55 -21.40 10.19
N TRP C 45 46.59 -22.02 9.63
CA TRP C 45 47.93 -21.87 10.20
C TRP C 45 48.54 -20.51 9.94
N ARG C 46 48.07 -19.82 8.89
CA ARG C 46 48.54 -18.46 8.63
C ARG C 46 48.16 -17.52 9.76
N ASP C 47 46.90 -17.57 10.22
CA ASP C 47 46.51 -16.73 11.35
C ASP C 47 47.38 -17.02 12.57
N ILE C 48 47.60 -18.30 12.86
CA ILE C 48 48.33 -18.67 14.07
C ILE C 48 49.77 -18.17 13.99
N ALA C 49 50.44 -18.39 12.85
CA ALA C 49 51.84 -18.03 12.73
C ALA C 49 52.06 -16.51 12.79
N ARG C 50 51.09 -15.73 12.32
CA ARG C 50 51.25 -14.28 12.30
C ARG C 50 51.01 -13.63 13.66
N CYS C 51 50.57 -14.40 14.67
CA CYS C 51 50.48 -13.83 16.02
C CYS C 51 51.87 -13.62 16.61
N GLN C 52 52.81 -14.54 16.32
CA GLN C 52 54.18 -14.47 16.81
C GLN C 52 54.25 -14.49 18.34
N ILE C 53 53.50 -15.43 18.93
CA ILE C 53 53.52 -15.63 20.38
C ILE C 53 53.46 -17.13 20.69
N ALA C 54 53.89 -17.96 19.73
CA ALA C 54 53.58 -19.40 19.78
C ALA C 54 54.55 -20.20 20.65
N GLY C 55 55.84 -20.11 20.36
CA GLY C 55 56.77 -21.06 20.96
C GLY C 55 57.00 -22.26 20.07
N THR C 56 57.60 -23.30 20.65
CA THR C 56 57.95 -24.46 19.83
C THR C 56 56.78 -25.41 19.60
N VAL C 57 55.75 -25.38 20.43
CA VAL C 57 54.69 -26.37 20.33
C VAL C 57 53.67 -25.92 19.30
N VAL C 58 53.32 -26.80 18.39
CA VAL C 58 52.35 -26.52 17.35
C VAL C 58 50.96 -26.78 17.93
N SER C 59 50.13 -25.74 17.97
CA SER C 59 48.80 -25.86 18.55
C SER C 59 47.84 -24.92 17.85
N THR C 60 46.55 -25.23 17.98
CA THR C 60 45.45 -24.41 17.48
C THR C 60 44.61 -23.89 18.63
N GLN C 61 43.90 -22.79 18.36
CA GLN C 61 42.97 -22.13 19.28
C GLN C 61 43.67 -21.56 20.50
N LEU C 62 44.43 -22.39 21.22
CA LEU C 62 45.18 -21.96 22.39
C LEU C 62 46.67 -22.06 22.12
N PHE C 63 47.42 -21.05 22.57
CA PHE C 63 48.87 -21.07 22.50
C PHE C 63 49.42 -21.73 23.77
N LEU C 64 50.12 -22.85 23.58
CA LEU C 64 50.72 -23.59 24.68
C LEU C 64 52.18 -23.20 24.82
N ASN C 65 52.59 -22.86 26.05
CA ASN C 65 54.00 -22.68 26.37
C ASN C 65 54.64 -21.59 25.50
N GLY C 66 53.87 -20.54 25.20
CA GLY C 66 54.32 -19.47 24.35
C GLY C 66 54.74 -18.23 25.13
N SER C 67 54.89 -17.13 24.40
CA SER C 67 55.32 -15.88 25.02
C SER C 67 54.20 -15.30 25.87
N LEU C 68 54.58 -14.66 26.97
CA LEU C 68 53.66 -13.93 27.83
C LEU C 68 53.90 -12.44 27.68
N ALA C 69 52.87 -11.66 28.02
CA ALA C 69 52.99 -10.20 28.04
C ALA C 69 53.63 -9.75 29.35
N GLU C 70 54.05 -8.48 29.39
CA GLU C 70 54.79 -7.99 30.54
C GLU C 70 53.88 -7.74 31.74
N GLU C 71 52.82 -6.95 31.57
CA GLU C 71 51.97 -6.55 32.69
C GLU C 71 50.53 -7.00 32.51
N GLU C 72 49.88 -6.64 31.41
CA GLU C 72 48.47 -6.94 31.21
C GLU C 72 48.29 -7.75 29.94
N VAL C 73 47.14 -8.42 29.85
CA VAL C 73 46.77 -9.11 28.62
C VAL C 73 46.69 -8.08 27.50
N VAL C 74 47.25 -8.41 26.35
CA VAL C 74 47.24 -7.52 25.19
C VAL C 74 46.68 -8.27 23.99
N ILE C 75 45.87 -7.58 23.20
CA ILE C 75 45.23 -8.11 22.00
C ILE C 75 45.72 -7.33 20.79
N ARG C 76 45.91 -8.03 19.68
CA ARG C 76 46.37 -7.38 18.46
C ARG C 76 45.63 -7.99 17.27
N SER C 77 45.52 -7.19 16.20
CA SER C 77 44.93 -7.64 14.95
C SER C 77 45.56 -6.90 13.79
N GLU C 78 45.76 -7.60 12.67
CA GLU C 78 46.27 -6.95 11.47
C GLU C 78 45.27 -5.91 10.94
N ASP C 79 43.98 -6.07 11.27
CA ASP C 79 42.93 -5.12 10.90
C ASP C 79 41.70 -5.36 11.76
N TRP C 80 41.40 -4.45 12.69
CA TRP C 80 40.27 -4.65 13.60
C TRP C 80 38.93 -4.70 12.89
N ARG C 81 38.83 -4.10 11.70
CA ARG C 81 37.58 -3.99 10.97
C ARG C 81 37.31 -5.15 10.00
N ASP C 82 38.29 -6.02 9.77
CA ASP C 82 38.13 -7.17 8.90
C ASP C 82 37.87 -8.40 9.77
N ASN C 83 36.62 -8.89 9.76
CA ASN C 83 36.29 -10.07 10.56
C ASN C 83 36.96 -11.34 10.04
N ALA C 84 37.65 -11.26 8.91
CA ALA C 84 38.43 -12.37 8.38
C ALA C 84 39.87 -12.39 8.90
N LYS C 85 40.29 -11.34 9.61
CA LYS C 85 41.57 -11.31 10.31
C LYS C 85 41.36 -11.70 11.77
N SER C 86 42.22 -12.57 12.26
CA SER C 86 42.08 -13.07 13.62
C SER C 86 42.61 -12.05 14.62
N ILE C 87 42.25 -12.27 15.88
CA ILE C 87 42.62 -11.40 16.99
C ILE C 87 43.53 -12.21 17.89
N CYS C 88 44.81 -11.82 17.96
CA CYS C 88 45.78 -12.52 18.79
C CYS C 88 45.69 -12.00 20.21
N VAL C 89 45.48 -12.90 21.16
CA VAL C 89 45.37 -12.57 22.57
C VAL C 89 46.59 -13.14 23.27
N GLN C 90 47.39 -12.29 23.90
CA GLN C 90 48.56 -12.72 24.63
C GLN C 90 48.31 -12.51 26.12
N LEU C 91 48.34 -13.59 26.88
CA LEU C 91 48.10 -13.48 28.31
C LEU C 91 49.33 -12.98 29.02
N ALA C 92 49.13 -12.45 30.23
CA ALA C 92 50.23 -12.11 31.10
C ALA C 92 50.46 -13.16 32.18
N THR C 93 49.40 -13.80 32.64
CA THR C 93 49.45 -14.92 33.57
C THR C 93 48.98 -16.16 32.84
N SER C 94 49.83 -17.19 32.82
CA SER C 94 49.49 -18.43 32.15
C SER C 94 48.41 -19.18 32.93
N VAL C 95 47.70 -20.05 32.21
CA VAL C 95 46.68 -20.92 32.78
C VAL C 95 47.16 -22.34 32.58
N GLU C 96 47.46 -23.04 33.67
CA GLU C 96 47.90 -24.42 33.57
C GLU C 96 46.74 -25.30 33.10
N ILE C 97 47.03 -26.20 32.17
CA ILE C 97 46.07 -27.20 31.71
C ILE C 97 46.68 -28.57 32.00
N ALA C 98 46.07 -29.29 32.95
CA ALA C 98 46.64 -30.52 33.50
C ALA C 98 46.02 -31.73 32.83
N CYS C 99 46.82 -32.48 32.08
CA CYS C 99 46.39 -33.71 31.43
C CYS C 99 46.79 -34.90 32.29
N THR C 100 45.84 -35.76 32.60
CA THR C 100 46.06 -36.84 33.56
C THR C 100 46.45 -38.16 32.90
N GLY C 101 46.16 -38.34 31.61
CA GLY C 101 46.40 -39.60 30.93
C GLY C 101 45.16 -40.44 30.72
N ALA C 102 44.01 -40.02 31.24
CA ALA C 102 42.78 -40.80 31.21
C ALA C 102 41.91 -40.50 30.00
N GLY C 103 42.20 -39.45 29.25
CA GLY C 103 41.39 -39.12 28.10
C GLY C 103 40.75 -37.74 28.22
N HIS C 104 41.31 -36.90 29.08
CA HIS C 104 40.82 -35.54 29.23
C HIS C 104 41.87 -34.71 29.95
N CYS C 105 41.89 -33.42 29.62
CA CYS C 105 42.71 -32.43 30.30
C CYS C 105 41.79 -31.48 31.06
N ALA C 106 42.32 -30.87 32.13
CA ALA C 106 41.53 -30.05 33.03
C ALA C 106 42.18 -28.67 33.21
N ILE C 107 41.33 -27.65 33.35
CA ILE C 107 41.76 -26.28 33.63
C ILE C 107 40.93 -25.73 34.78
N SER C 108 41.55 -24.88 35.60
CA SER C 108 40.86 -24.25 36.73
C SER C 108 39.75 -23.33 36.23
N ARG C 109 38.51 -23.62 36.65
CA ARG C 109 37.37 -22.82 36.21
C ARG C 109 37.48 -21.39 36.70
N ALA C 110 37.95 -21.19 37.94
CA ALA C 110 38.11 -19.84 38.45
C ALA C 110 39.21 -19.08 37.70
N LYS C 111 40.31 -19.75 37.39
CA LYS C 111 41.40 -19.09 36.69
C LYS C 111 41.00 -18.72 35.27
N TRP C 112 40.22 -19.59 34.61
CA TRP C 112 39.81 -19.31 33.24
C TRP C 112 38.81 -18.18 33.17
N ALA C 113 37.89 -18.11 34.13
CA ALA C 113 36.92 -17.02 34.15
C ALA C 113 37.61 -15.68 34.37
N ASN C 114 38.60 -15.64 35.26
CA ASN C 114 39.32 -14.39 35.47
C ASN C 114 40.09 -13.98 34.23
N THR C 115 40.69 -14.95 33.52
CA THR C 115 41.35 -14.66 32.25
C THR C 115 40.34 -14.12 31.24
N LEU C 116 39.19 -14.78 31.11
CA LEU C 116 38.16 -14.34 30.17
C LEU C 116 37.71 -12.91 30.47
N LYS C 117 37.56 -12.57 31.77
CA LYS C 117 37.12 -11.23 32.15
C LYS C 117 38.11 -10.17 31.70
N GLN C 118 39.41 -10.44 31.85
CA GLN C 118 40.41 -9.49 31.38
C GLN C 118 40.42 -9.40 29.86
N ILE C 119 40.24 -10.53 29.18
CA ILE C 119 40.18 -10.52 27.72
C ILE C 119 38.97 -9.74 27.25
N ALA C 120 37.81 -9.98 27.86
CA ALA C 120 36.60 -9.25 27.48
C ALA C 120 36.76 -7.76 27.73
N SER C 121 37.41 -7.38 28.83
CA SER C 121 37.63 -5.97 29.12
C SER C 121 38.46 -5.31 28.03
N LYS C 122 39.56 -5.97 27.63
CA LYS C 122 40.40 -5.41 26.57
C LYS C 122 39.67 -5.37 25.24
N LEU C 123 38.90 -6.42 24.92
CA LEU C 123 38.08 -6.39 23.72
C LEU C 123 37.03 -5.29 23.79
N ARG C 124 36.51 -5.02 25.00
CA ARG C 124 35.47 -4.01 25.16
C ARG C 124 36.00 -2.63 24.79
N GLU C 125 37.22 -2.29 25.22
CA GLU C 125 37.79 -0.98 24.95
C GLU C 125 38.34 -0.85 23.53
N GLN C 126 38.48 -1.95 22.80
CA GLN C 126 38.92 -1.88 21.41
C GLN C 126 37.76 -1.67 20.44
N TYR C 127 36.65 -2.38 20.65
CA TYR C 127 35.49 -2.27 19.78
C TYR C 127 34.42 -1.34 20.34
N GLY C 128 34.70 -0.65 21.45
CA GLY C 128 33.73 0.25 22.03
C GLY C 128 32.40 -0.39 22.35
N ALA C 129 32.40 -1.68 22.68
CA ALA C 129 31.15 -2.40 22.90
C ALA C 129 30.67 -2.22 24.33
N LYS C 130 29.54 -2.83 24.62
CA LYS C 130 28.99 -2.89 25.97
C LYS C 130 29.08 -4.28 26.58
N THR C 131 28.85 -5.32 25.79
CA THR C 131 28.88 -6.69 26.29
C THR C 131 29.60 -7.59 25.29
N ILE C 132 30.34 -8.56 25.82
CA ILE C 132 31.19 -9.46 25.04
C ILE C 132 30.74 -10.88 25.30
N ILE C 133 30.40 -11.61 24.25
CA ILE C 133 29.97 -13.01 24.35
C ILE C 133 31.03 -13.89 23.72
N PHE C 134 31.42 -14.94 24.43
CA PHE C 134 32.25 -16.00 23.88
C PHE C 134 31.37 -17.21 23.55
N LYS C 135 31.50 -17.73 22.34
CA LYS C 135 30.75 -18.86 21.84
C LYS C 135 31.72 -19.87 21.24
N PRO C 136 31.31 -21.15 21.15
CA PRO C 136 32.23 -22.16 20.62
C PRO C 136 32.56 -22.00 19.14
N SER C 137 33.37 -22.92 18.61
CA SER C 137 33.84 -22.81 17.23
C SER C 137 32.68 -22.95 16.25
N SER C 138 32.77 -22.21 15.15
CA SER C 138 31.73 -22.27 14.11
C SER C 138 31.78 -23.58 13.32
N GLY C 139 32.84 -24.36 13.47
CA GLY C 139 33.01 -25.61 12.75
C GLY C 139 34.35 -25.66 12.04
N GLY C 140 34.53 -26.74 11.28
CA GLY C 140 35.72 -26.87 10.46
C GLY C 140 36.38 -28.19 10.67
N ASP C 141 37.58 -28.32 10.11
CA ASP C 141 38.32 -29.57 10.16
C ASP C 141 38.71 -29.88 11.61
N PRO C 142 38.90 -31.16 11.95
CA PRO C 142 39.07 -31.52 13.37
C PRO C 142 40.29 -30.88 14.03
N GLU C 143 41.36 -30.58 13.29
CA GLU C 143 42.50 -29.94 13.91
C GLU C 143 42.21 -28.50 14.33
N PHE C 144 41.21 -27.84 13.72
CA PHE C 144 40.93 -26.44 14.03
C PHE C 144 39.65 -26.23 14.80
N VAL C 145 38.65 -27.09 14.63
CA VAL C 145 37.44 -26.94 15.42
C VAL C 145 37.72 -27.37 16.86
N ASN C 146 38.65 -28.31 17.04
CA ASN C 146 39.15 -28.64 18.37
C ASN C 146 40.40 -27.83 18.67
N HIS C 147 40.68 -27.68 19.97
CA HIS C 147 42.01 -27.30 20.40
C HIS C 147 42.94 -28.48 20.18
N SER C 148 43.84 -28.37 19.21
CA SER C 148 44.76 -29.44 18.86
C SER C 148 46.19 -29.02 19.18
N PHE C 149 47.03 -30.02 19.45
CA PHE C 149 48.42 -29.69 19.74
C PHE C 149 49.30 -30.92 19.56
N ASN C 150 50.57 -30.67 19.27
N ASN C 150 50.56 -30.66 19.21
CA ASN C 150 51.56 -31.73 19.09
CA ASN C 150 51.57 -31.69 19.12
C ASN C 150 52.46 -31.78 20.32
C ASN C 150 52.29 -31.79 20.45
N CYS C 151 52.73 -33.00 20.79
CA CYS C 151 53.51 -33.21 22.00
C CYS C 151 54.16 -34.58 21.88
N GLY C 152 55.50 -34.60 21.95
CA GLY C 152 56.23 -35.86 21.85
C GLY C 152 55.93 -36.64 20.59
N GLY C 153 55.79 -35.95 19.46
CA GLY C 153 55.57 -36.63 18.20
C GLY C 153 54.19 -37.21 18.01
N GLU C 154 53.22 -36.80 18.82
CA GLU C 154 51.85 -37.24 18.69
C GLU C 154 50.93 -36.04 18.66
N PHE C 155 49.87 -36.12 17.86
CA PHE C 155 48.92 -35.03 17.68
C PHE C 155 47.64 -35.34 18.45
N PHE C 156 47.12 -34.35 19.19
CA PHE C 156 45.96 -34.56 20.05
C PHE C 156 44.86 -33.56 19.72
N TYR C 157 43.63 -33.95 20.04
CA TYR C 157 42.43 -33.18 19.74
C TYR C 157 41.57 -33.10 20.99
N CYS C 158 41.32 -31.88 21.47
CA CYS C 158 40.50 -31.65 22.66
C CYS C 158 39.34 -30.72 22.32
N ALA C 159 38.13 -31.14 22.65
CA ALA C 159 36.96 -30.31 22.42
C ALA C 159 36.97 -29.11 23.36
N SER C 160 36.89 -27.91 22.79
CA SER C 160 37.03 -26.67 23.55
C SER C 160 35.69 -26.00 23.82
N THR C 161 34.57 -26.68 23.57
CA THR C 161 33.25 -26.09 23.75
C THR C 161 33.11 -25.42 25.12
N GLN C 162 33.66 -26.05 26.16
CA GLN C 162 33.43 -25.55 27.51
C GLN C 162 34.27 -24.33 27.86
N LEU C 163 35.28 -24.01 27.06
CA LEU C 163 36.11 -22.83 27.29
C LEU C 163 35.49 -21.55 26.75
N PHE C 164 34.62 -21.64 25.74
CA PHE C 164 34.04 -20.46 25.08
C PHE C 164 32.53 -20.54 25.17
N ALA C 165 31.99 -20.17 26.34
CA ALA C 165 30.55 -20.19 26.55
C ALA C 165 30.15 -19.28 27.70
N SER C 166 30.41 -17.98 27.57
CA SER C 166 30.17 -17.03 28.65
C SER C 166 29.83 -15.67 28.08
N THR C 167 29.23 -14.84 28.93
CA THR C 167 28.86 -13.46 28.61
C THR C 167 29.45 -12.52 29.66
N TRP C 168 29.88 -11.34 29.23
CA TRP C 168 30.59 -10.40 30.09
C TRP C 168 30.11 -8.99 29.83
N PHE C 169 29.67 -8.31 30.88
CA PHE C 169 29.20 -6.93 30.76
C PHE C 169 30.25 -5.94 31.23
N GLN D 1 42.29 -18.92 -16.43
CA GLN D 1 40.90 -18.51 -16.40
C GLN D 1 40.16 -18.97 -15.15
N VAL D 2 39.98 -18.05 -14.19
CA VAL D 2 39.18 -18.35 -13.00
C VAL D 2 37.72 -18.55 -13.38
N GLN D 3 37.13 -19.65 -12.93
CA GLN D 3 35.71 -19.91 -13.18
C GLN D 3 35.07 -20.44 -11.91
N LEU D 4 33.94 -19.85 -11.55
CA LEU D 4 33.09 -20.32 -10.46
C LEU D 4 31.76 -20.70 -11.08
N VAL D 5 31.48 -22.01 -11.12
CA VAL D 5 30.26 -22.56 -11.72
C VAL D 5 29.40 -23.15 -10.61
N GLN D 6 28.17 -22.65 -10.48
CA GLN D 6 27.26 -23.06 -9.42
C GLN D 6 26.21 -24.04 -9.94
N SER D 7 25.54 -24.71 -9.00
CA SER D 7 24.48 -25.64 -9.33
C SER D 7 23.22 -24.88 -9.78
N GLY D 8 22.26 -25.64 -10.32
CA GLY D 8 21.09 -25.07 -10.96
C GLY D 8 20.02 -24.57 -10.01
N ALA D 9 19.02 -23.91 -10.60
CA ALA D 9 17.89 -23.36 -9.86
C ALA D 9 17.16 -24.45 -9.09
N GLU D 10 16.59 -24.07 -7.94
CA GLU D 10 15.87 -25.00 -7.08
C GLU D 10 14.56 -24.38 -6.63
N VAL D 11 13.51 -25.21 -6.59
CA VAL D 11 12.25 -24.85 -5.94
C VAL D 11 12.09 -25.74 -4.71
N LYS D 12 11.84 -25.12 -3.56
CA LYS D 12 11.74 -25.82 -2.30
C LYS D 12 10.50 -25.38 -1.54
N LYS D 13 9.91 -26.32 -0.80
CA LYS D 13 8.80 -26.03 0.10
C LYS D 13 9.32 -25.29 1.34
N PRO D 14 8.49 -24.47 1.97
CA PRO D 14 8.88 -23.87 3.25
C PRO D 14 9.20 -24.94 4.28
N GLY D 15 10.28 -24.73 5.03
CA GLY D 15 10.76 -25.68 6.01
C GLY D 15 11.87 -26.59 5.51
N ALA D 16 11.95 -26.81 4.21
CA ALA D 16 12.96 -27.69 3.64
C ALA D 16 14.33 -27.03 3.67
N SER D 17 15.33 -27.75 3.18
CA SER D 17 16.70 -27.29 3.04
C SER D 17 17.08 -27.24 1.57
N VAL D 18 18.07 -26.43 1.25
CA VAL D 18 18.64 -26.38 -0.09
C VAL D 18 20.15 -26.41 0.05
N LYS D 19 20.82 -27.12 -0.84
CA LYS D 19 22.28 -27.22 -0.83
C LYS D 19 22.80 -26.74 -2.18
N VAL D 20 23.37 -25.56 -2.17
CA VAL D 20 23.94 -24.95 -3.36
C VAL D 20 25.43 -25.27 -3.40
N SER D 21 25.93 -25.61 -4.58
CA SER D 21 27.34 -25.91 -4.73
C SER D 21 27.99 -24.89 -5.64
N CYS D 22 29.33 -24.90 -5.65
CA CYS D 22 30.08 -23.91 -6.39
C CYS D 22 31.46 -24.49 -6.70
N LYS D 23 31.66 -24.92 -7.94
CA LYS D 23 32.90 -25.51 -8.40
C LYS D 23 33.83 -24.40 -8.88
N ALA D 24 35.03 -24.34 -8.31
CA ALA D 24 36.06 -23.37 -8.65
C ALA D 24 37.11 -24.00 -9.54
N SER D 25 37.66 -23.20 -10.46
CA SER D 25 38.74 -23.66 -11.33
C SER D 25 39.60 -22.47 -11.74
N GLY D 26 40.83 -22.78 -12.14
CA GLY D 26 41.75 -21.77 -12.62
C GLY D 26 42.63 -21.11 -11.57
N TYR D 27 42.48 -21.46 -10.30
CA TYR D 27 43.29 -20.88 -9.24
C TYR D 27 43.43 -21.90 -8.12
N THR D 28 44.35 -21.63 -7.19
CA THR D 28 44.55 -22.53 -6.04
C THR D 28 43.38 -22.41 -5.08
N PHE D 29 42.52 -23.44 -5.06
CA PHE D 29 41.26 -23.35 -4.33
C PHE D 29 41.47 -23.02 -2.85
N THR D 30 42.46 -23.65 -2.21
CA THR D 30 42.69 -23.41 -0.78
C THR D 30 43.31 -22.06 -0.47
N GLY D 31 43.63 -21.24 -1.47
CA GLY D 31 44.37 -20.02 -1.22
C GLY D 31 43.57 -18.77 -0.98
N TYR D 32 42.26 -18.78 -1.20
CA TYR D 32 41.45 -17.59 -1.06
C TYR D 32 40.15 -17.94 -0.37
N TYR D 33 39.75 -17.12 0.59
CA TYR D 33 38.46 -17.32 1.25
C TYR D 33 37.34 -17.27 0.22
N MET D 34 36.29 -18.01 0.49
CA MET D 34 35.10 -18.04 -0.36
C MET D 34 33.93 -17.47 0.43
N HIS D 35 33.24 -16.49 -0.16
CA HIS D 35 32.10 -15.86 0.49
C HIS D 35 30.81 -16.20 -0.24
N TRP D 36 29.69 -16.05 0.47
CA TRP D 36 28.38 -16.26 -0.11
C TRP D 36 27.53 -15.02 0.08
N VAL D 37 27.00 -14.50 -1.02
CA VAL D 37 26.13 -13.33 -1.02
C VAL D 37 24.83 -13.72 -1.71
N ARG D 38 23.71 -13.26 -1.17
CA ARG D 38 22.43 -13.55 -1.81
C ARG D 38 21.73 -12.25 -2.20
N GLN D 39 20.83 -12.35 -3.16
CA GLN D 39 20.13 -11.19 -3.71
C GLN D 39 18.66 -11.54 -3.90
N ALA D 40 17.80 -10.98 -3.07
CA ALA D 40 16.37 -11.17 -3.29
C ALA D 40 15.93 -10.41 -4.53
N PRO D 41 14.98 -10.96 -5.30
CA PRO D 41 14.63 -10.36 -6.60
C PRO D 41 14.20 -8.90 -6.44
N GLY D 42 14.93 -8.02 -7.10
CA GLY D 42 14.67 -6.59 -7.01
C GLY D 42 15.40 -5.86 -5.90
N GLN D 43 16.12 -6.56 -5.03
CA GLN D 43 16.78 -5.93 -3.90
C GLN D 43 18.29 -5.96 -4.06
N GLY D 44 18.99 -5.50 -3.03
CA GLY D 44 20.43 -5.41 -3.04
C GLY D 44 21.10 -6.71 -2.67
N LEU D 45 22.35 -6.60 -2.21
CA LEU D 45 23.23 -7.73 -1.96
C LEU D 45 23.39 -7.92 -0.46
N GLU D 46 23.18 -9.15 0.03
CA GLU D 46 23.27 -9.44 1.45
C GLU D 46 24.31 -10.50 1.69
N TRP D 47 25.36 -10.14 2.44
CA TRP D 47 26.46 -11.03 2.76
C TRP D 47 26.03 -12.07 3.79
N MET D 48 26.43 -13.32 3.55
CA MET D 48 25.98 -14.43 4.39
C MET D 48 27.08 -15.04 5.24
N GLY D 49 28.33 -14.94 4.85
CA GLY D 49 29.42 -15.50 5.61
C GLY D 49 30.56 -15.89 4.70
N TRP D 50 31.71 -16.18 5.33
CA TRP D 50 32.82 -16.70 4.56
C TRP D 50 33.22 -18.09 5.07
N ILE D 51 34.01 -18.79 4.24
CA ILE D 51 34.59 -20.07 4.60
C ILE D 51 36.05 -20.08 4.21
N ASN D 52 36.90 -20.60 5.09
CA ASN D 52 38.31 -20.78 4.78
C ASN D 52 38.47 -22.14 4.13
N PRO D 53 38.78 -22.22 2.84
CA PRO D 53 38.91 -23.53 2.18
C PRO D 53 40.01 -24.40 2.75
N ASN D 54 41.04 -23.80 3.33
CA ASN D 54 42.17 -24.58 3.82
C ASN D 54 41.82 -25.34 5.09
N SER D 55 41.11 -24.68 6.01
CA SER D 55 40.76 -25.24 7.31
C SER D 55 39.30 -25.65 7.42
N GLY D 56 38.42 -25.12 6.57
CA GLY D 56 37.01 -25.32 6.74
C GLY D 56 36.38 -24.43 7.80
N GLY D 57 37.16 -23.52 8.39
CA GLY D 57 36.59 -22.56 9.32
C GLY D 57 35.61 -21.61 8.64
N THR D 58 34.57 -21.26 9.36
CA THR D 58 33.51 -20.41 8.83
C THR D 58 33.27 -19.25 9.78
N ASN D 59 32.71 -18.17 9.23
CA ASN D 59 32.22 -17.04 10.02
C ASN D 59 30.97 -16.56 9.29
N TYR D 60 29.81 -16.79 9.90
CA TYR D 60 28.51 -16.51 9.32
C TYR D 60 28.00 -15.17 9.84
N ALA D 61 27.19 -14.50 9.02
CA ALA D 61 26.46 -13.34 9.52
C ALA D 61 25.47 -13.80 10.58
N GLN D 62 25.36 -13.01 11.66
CA GLN D 62 24.50 -13.39 12.79
C GLN D 62 23.07 -13.68 12.35
N LYS D 63 22.62 -13.05 11.26
CA LYS D 63 21.28 -13.28 10.75
C LYS D 63 21.03 -14.76 10.43
N PHE D 64 22.08 -15.50 10.06
CA PHE D 64 21.94 -16.87 9.58
C PHE D 64 22.55 -17.91 10.51
N GLN D 65 23.02 -17.52 11.70
CA GLN D 65 23.54 -18.47 12.67
C GLN D 65 22.50 -19.54 13.00
N GLY D 66 22.87 -20.79 12.79
CA GLY D 66 22.00 -21.91 13.07
C GLY D 66 21.20 -22.40 11.87
N ARG D 67 21.07 -21.60 10.82
CA ARG D 67 20.37 -22.04 9.63
C ARG D 67 21.31 -22.37 8.49
N VAL D 68 22.44 -21.70 8.41
CA VAL D 68 23.35 -21.86 7.29
C VAL D 68 24.50 -22.77 7.70
N THR D 69 25.00 -23.53 6.73
CA THR D 69 26.17 -24.36 6.94
C THR D 69 27.01 -24.32 5.67
N MET D 70 28.25 -23.83 5.79
CA MET D 70 29.17 -23.77 4.67
C MET D 70 30.25 -24.83 4.82
N THR D 71 30.41 -25.64 3.78
CA THR D 71 31.45 -26.67 3.71
C THR D 71 32.15 -26.56 2.37
N ARG D 72 33.14 -27.42 2.17
CA ARG D 72 33.85 -27.47 0.90
C ARG D 72 34.55 -28.81 0.79
N ASP D 73 34.88 -29.18 -0.44
CA ASP D 73 35.54 -30.45 -0.76
C ASP D 73 36.78 -30.10 -1.57
N THR D 74 37.93 -30.04 -0.90
CA THR D 74 39.14 -29.55 -1.55
C THR D 74 39.57 -30.46 -2.71
N SER D 75 39.23 -31.75 -2.65
CA SER D 75 39.64 -32.68 -3.69
C SER D 75 38.98 -32.40 -5.03
N ILE D 76 37.80 -31.78 -5.04
CA ILE D 76 37.12 -31.40 -6.28
C ILE D 76 36.92 -29.89 -6.38
N SER D 77 37.55 -29.12 -5.49
CA SER D 77 37.57 -27.65 -5.56
C SER D 77 36.16 -27.07 -5.58
N THR D 78 35.28 -27.64 -4.76
CA THR D 78 33.87 -27.25 -4.73
C THR D 78 33.52 -26.77 -3.34
N ALA D 79 32.84 -25.63 -3.26
CA ALA D 79 32.30 -25.10 -2.03
C ALA D 79 30.80 -25.36 -1.97
N TYR D 80 30.26 -25.41 -0.77
CA TYR D 80 28.86 -25.72 -0.55
C TYR D 80 28.25 -24.78 0.45
N MET D 81 27.00 -24.42 0.20
CA MET D 81 26.21 -23.59 1.10
C MET D 81 24.88 -24.30 1.30
N GLU D 82 24.53 -24.57 2.55
CA GLU D 82 23.25 -25.21 2.86
C GLU D 82 22.46 -24.29 3.78
N LEU D 83 21.24 -23.98 3.39
CA LEU D 83 20.35 -23.15 4.17
C LEU D 83 19.13 -23.97 4.55
N SER D 84 18.81 -24.00 5.84
CA SER D 84 17.77 -24.88 6.34
C SER D 84 16.63 -24.06 6.93
N ARG D 85 15.51 -24.73 7.15
CA ARG D 85 14.29 -24.10 7.68
C ARG D 85 13.88 -22.92 6.80
N LEU D 86 13.70 -23.23 5.52
CA LEU D 86 13.43 -22.21 4.51
C LEU D 86 12.11 -21.50 4.73
N ARG D 87 12.13 -20.18 4.55
CA ARG D 87 10.94 -19.34 4.54
C ARG D 87 10.81 -18.69 3.18
N SER D 88 9.65 -18.06 2.93
CA SER D 88 9.40 -17.47 1.62
C SER D 88 10.41 -16.38 1.29
N ASP D 89 10.74 -15.54 2.27
CA ASP D 89 11.74 -14.47 2.11
C ASP D 89 13.20 -15.01 1.99
N ASP D 90 13.42 -16.32 1.92
CA ASP D 90 14.70 -16.85 1.49
C ASP D 90 14.78 -16.99 -0.02
N THR D 91 13.69 -16.70 -0.72
CA THR D 91 13.72 -16.65 -2.18
C THR D 91 14.71 -15.58 -2.62
N ALA D 92 15.72 -16.01 -3.38
CA ALA D 92 16.79 -15.12 -3.80
C ALA D 92 17.70 -15.85 -4.76
N VAL D 93 18.56 -15.09 -5.42
CA VAL D 93 19.70 -15.63 -6.14
C VAL D 93 20.88 -15.74 -5.18
N TYR D 94 21.51 -16.92 -5.14
CA TYR D 94 22.62 -17.19 -4.23
C TYR D 94 23.92 -17.28 -5.01
N TYR D 95 24.91 -16.51 -4.57
CA TYR D 95 26.20 -16.39 -5.24
C TYR D 95 27.32 -16.86 -4.33
N CYS D 96 28.24 -17.65 -4.88
CA CYS D 96 29.57 -17.78 -4.29
C CYS D 96 30.49 -16.76 -4.93
N ALA D 97 31.39 -16.19 -4.13
CA ALA D 97 32.29 -15.15 -4.59
C ALA D 97 33.65 -15.33 -3.96
N LYS D 98 34.69 -15.15 -4.76
CA LYS D 98 36.07 -15.35 -4.33
C LYS D 98 36.70 -13.99 -4.00
N ILE D 99 37.14 -13.83 -2.76
CA ILE D 99 37.83 -12.64 -2.32
C ILE D 99 39.22 -12.58 -2.94
N SER D 100 39.69 -11.38 -3.20
CA SER D 100 41.01 -11.13 -3.76
C SER D 100 41.91 -10.53 -2.71
N GLY D 101 43.17 -10.32 -3.07
CA GLY D 101 44.10 -9.67 -2.15
C GLY D 101 43.84 -8.19 -1.95
N SER D 102 42.96 -7.59 -2.74
CA SER D 102 42.56 -6.20 -2.56
C SER D 102 41.26 -6.07 -1.78
N TYR D 103 40.80 -7.17 -1.17
CA TYR D 103 39.57 -7.18 -0.39
C TYR D 103 38.38 -6.72 -1.22
N SER D 104 38.31 -7.26 -2.44
CA SER D 104 37.20 -7.08 -3.36
C SER D 104 36.89 -8.43 -3.98
N PHE D 105 35.69 -8.55 -4.54
CA PHE D 105 35.22 -9.81 -5.15
C PHE D 105 35.43 -9.71 -6.66
N ASP D 106 36.56 -10.23 -7.14
CA ASP D 106 36.89 -10.18 -8.57
C ASP D 106 36.24 -11.29 -9.39
N TYR D 107 35.78 -12.37 -8.76
CA TYR D 107 35.15 -13.47 -9.49
C TYR D 107 33.93 -13.97 -8.74
N TRP D 108 32.83 -14.11 -9.46
CA TRP D 108 31.55 -14.54 -8.91
C TRP D 108 31.06 -15.78 -9.62
N GLY D 109 30.24 -16.57 -8.93
CA GLY D 109 29.44 -17.57 -9.62
C GLY D 109 28.37 -16.91 -10.45
N GLN D 110 27.71 -17.72 -11.29
CA GLN D 110 26.64 -17.18 -12.13
C GLN D 110 25.34 -17.03 -11.37
N GLY D 111 25.26 -17.55 -10.15
CA GLY D 111 24.10 -17.41 -9.30
C GLY D 111 23.21 -18.63 -9.34
N THR D 112 22.45 -18.83 -8.27
CA THR D 112 21.55 -19.97 -8.14
C THR D 112 20.24 -19.47 -7.56
N LEU D 113 19.21 -19.40 -8.41
CA LEU D 113 17.89 -19.01 -7.95
C LEU D 113 17.31 -20.09 -7.04
N VAL D 114 16.86 -19.68 -5.86
CA VAL D 114 16.18 -20.57 -4.93
C VAL D 114 14.83 -19.94 -4.65
N THR D 115 13.77 -20.63 -5.05
CA THR D 115 12.41 -20.14 -4.86
C THR D 115 11.73 -21.03 -3.83
N VAL D 116 11.33 -20.42 -2.72
CA VAL D 116 10.66 -21.12 -1.63
C VAL D 116 9.17 -20.86 -1.75
N SER D 117 8.38 -21.93 -1.90
CA SER D 117 6.96 -21.76 -2.16
C SER D 117 6.23 -23.05 -1.85
N SER D 118 4.96 -22.91 -1.47
CA SER D 118 4.08 -24.06 -1.28
C SER D 118 3.38 -24.48 -2.56
N ALA D 119 3.47 -23.68 -3.62
CA ALA D 119 2.78 -23.96 -4.87
C ALA D 119 3.36 -25.17 -5.57
N SER D 120 2.52 -25.85 -6.34
CA SER D 120 2.93 -26.96 -7.19
C SER D 120 2.92 -26.48 -8.64
N THR D 121 3.59 -27.26 -9.49
CA THR D 121 3.73 -26.86 -10.88
C THR D 121 2.36 -26.79 -11.55
N LYS D 122 2.09 -25.69 -12.26
CA LYS D 122 0.80 -25.52 -12.90
C LYS D 122 0.94 -24.61 -14.11
N GLY D 123 0.41 -25.04 -15.24
CA GLY D 123 0.47 -24.28 -16.46
C GLY D 123 -0.46 -23.09 -16.42
N PRO D 124 -0.21 -22.11 -17.28
CA PRO D 124 -1.01 -20.89 -17.28
C PRO D 124 -2.30 -21.03 -18.06
N SER D 125 -3.28 -20.24 -17.65
CA SER D 125 -4.44 -19.93 -18.47
C SER D 125 -4.13 -18.61 -19.17
N VAL D 126 -4.37 -18.57 -20.48
CA VAL D 126 -4.10 -17.38 -21.26
C VAL D 126 -5.42 -16.89 -21.88
N PHE D 127 -5.80 -15.67 -21.52
CA PHE D 127 -7.01 -14.95 -21.86
C PHE D 127 -6.69 -13.79 -22.79
N PRO D 128 -7.55 -13.49 -23.75
CA PRO D 128 -7.26 -12.36 -24.65
C PRO D 128 -7.64 -11.04 -24.00
N LEU D 129 -6.84 -10.02 -24.31
CA LEU D 129 -7.14 -8.62 -24.02
C LEU D 129 -7.53 -8.01 -25.37
N ALA D 130 -8.84 -8.00 -25.64
CA ALA D 130 -9.31 -7.73 -26.99
C ALA D 130 -9.21 -6.24 -27.31
N PRO D 131 -8.82 -5.90 -28.54
CA PRO D 131 -8.95 -4.51 -28.99
C PRO D 131 -10.41 -4.15 -29.15
N SER D 132 -10.74 -2.91 -28.81
CA SER D 132 -12.11 -2.43 -28.93
C SER D 132 -12.06 -0.94 -29.24
N SER D 133 -13.13 -0.23 -28.91
CA SER D 133 -13.13 1.22 -28.97
C SER D 133 -12.48 1.85 -27.74
N LYS D 134 -12.42 1.13 -26.61
CA LYS D 134 -11.75 1.56 -25.39
C LYS D 134 -10.27 1.17 -25.36
N SER D 135 -9.76 0.57 -26.44
CA SER D 135 -8.35 0.23 -26.58
C SER D 135 -7.75 0.81 -27.86
N THR D 136 -8.36 1.86 -28.41
CA THR D 136 -7.79 2.63 -29.51
C THR D 136 -7.56 4.07 -29.05
N SER D 137 -6.68 4.76 -29.77
CA SER D 137 -6.47 6.18 -29.55
C SER D 137 -6.66 6.96 -30.86
N GLY D 138 -5.59 7.21 -31.60
CA GLY D 138 -5.69 7.87 -32.88
C GLY D 138 -5.00 7.11 -33.99
N GLY D 139 -5.65 6.07 -34.50
CA GLY D 139 -5.05 5.18 -35.47
C GLY D 139 -4.27 4.02 -34.90
N THR D 140 -4.02 4.00 -33.59
CA THR D 140 -3.30 2.91 -32.93
C THR D 140 -4.22 2.20 -31.96
N ALA D 141 -4.24 0.87 -32.02
CA ALA D 141 -5.01 0.04 -31.10
C ALA D 141 -4.07 -0.78 -30.24
N ALA D 142 -4.51 -1.11 -29.03
CA ALA D 142 -3.77 -1.95 -28.12
C ALA D 142 -4.51 -3.28 -27.93
N LEU D 143 -3.76 -4.37 -27.92
CA LEU D 143 -4.33 -5.67 -27.64
C LEU D 143 -3.29 -6.49 -26.90
N GLY D 144 -3.70 -7.61 -26.33
CA GLY D 144 -2.76 -8.38 -25.54
C GLY D 144 -3.29 -9.72 -25.11
N CYS D 145 -2.52 -10.38 -24.26
CA CYS D 145 -2.91 -11.65 -23.65
CA CYS D 145 -2.92 -11.65 -23.66
C CYS D 145 -2.55 -11.62 -22.19
N LEU D 146 -3.47 -12.12 -21.36
CA LEU D 146 -3.26 -12.24 -19.92
C LEU D 146 -2.88 -13.68 -19.62
N VAL D 147 -1.66 -13.87 -19.13
CA VAL D 147 -1.10 -15.20 -18.85
C VAL D 147 -1.19 -15.39 -17.34
N LYS D 148 -2.17 -16.18 -16.91
CA LYS D 148 -2.63 -16.14 -15.52
C LYS D 148 -2.48 -17.50 -14.84
N ASP D 149 -2.03 -17.46 -13.58
CA ASP D 149 -2.06 -18.59 -12.64
C ASP D 149 -1.13 -19.72 -13.08
N TYR D 150 0.17 -19.46 -13.00
CA TYR D 150 1.15 -20.47 -13.35
C TYR D 150 2.26 -20.48 -12.32
N PHE D 151 2.92 -21.63 -12.22
CA PHE D 151 4.07 -21.82 -11.36
C PHE D 151 4.88 -22.99 -11.89
N PRO D 152 6.22 -22.88 -11.86
CA PRO D 152 6.96 -21.67 -11.48
C PRO D 152 7.26 -20.81 -12.70
N GLU D 153 8.26 -19.96 -12.57
CA GLU D 153 8.72 -19.13 -13.68
C GLU D 153 9.74 -19.90 -14.52
N PRO D 154 9.94 -19.48 -15.78
CA PRO D 154 9.20 -18.40 -16.46
C PRO D 154 8.18 -18.93 -17.48
N VAL D 155 7.41 -18.02 -18.06
CA VAL D 155 6.72 -18.23 -19.32
C VAL D 155 7.44 -17.41 -20.38
N THR D 156 7.32 -17.84 -21.63
CA THR D 156 7.87 -17.11 -22.78
C THR D 156 6.71 -16.74 -23.69
N VAL D 157 6.67 -15.47 -24.11
CA VAL D 157 5.61 -14.97 -24.98
C VAL D 157 6.23 -14.41 -26.25
N SER D 158 5.63 -14.74 -27.39
CA SER D 158 5.88 -14.04 -28.63
C SER D 158 4.55 -13.76 -29.30
N TRP D 159 4.60 -12.97 -30.37
CA TRP D 159 3.42 -12.63 -31.16
C TRP D 159 3.64 -13.06 -32.60
N ASN D 160 2.66 -13.78 -33.15
CA ASN D 160 2.71 -14.25 -34.54
C ASN D 160 4.02 -14.97 -34.86
N SER D 161 4.49 -15.77 -33.90
CA SER D 161 5.67 -16.63 -34.07
C SER D 161 6.90 -15.83 -34.51
N GLY D 162 7.10 -14.67 -33.89
CA GLY D 162 8.25 -13.83 -34.16
C GLY D 162 8.07 -12.82 -35.28
N ALA D 163 6.95 -12.84 -36.00
CA ALA D 163 6.74 -11.91 -37.10
C ALA D 163 6.31 -10.53 -36.63
N LEU D 164 6.03 -10.38 -35.34
CA LEU D 164 5.50 -9.14 -34.77
C LEU D 164 6.30 -8.83 -33.51
N THR D 165 7.29 -7.93 -33.64
CA THR D 165 8.08 -7.48 -32.51
C THR D 165 7.92 -5.99 -32.20
N SER D 166 7.74 -5.16 -33.22
CA SER D 166 7.56 -3.73 -32.99
C SER D 166 6.29 -3.46 -32.20
N GLY D 167 6.43 -2.69 -31.11
CA GLY D 167 5.29 -2.36 -30.27
C GLY D 167 4.95 -3.38 -29.20
N VAL D 168 5.75 -4.42 -29.02
CA VAL D 168 5.45 -5.48 -28.07
C VAL D 168 6.02 -5.09 -26.71
N HIS D 169 5.25 -5.34 -25.65
CA HIS D 169 5.70 -5.16 -24.27
C HIS D 169 5.24 -6.34 -23.44
N THR D 170 6.17 -7.11 -22.91
CA THR D 170 5.84 -8.20 -22.00
C THR D 170 6.23 -7.79 -20.58
N PHE D 171 5.28 -7.81 -19.68
CA PHE D 171 5.59 -7.27 -18.37
C PHE D 171 6.18 -8.34 -17.46
N PRO D 172 6.93 -7.93 -16.44
CA PRO D 172 7.39 -8.90 -15.44
C PRO D 172 6.22 -9.52 -14.71
N ALA D 173 6.38 -10.79 -14.34
CA ALA D 173 5.35 -11.50 -13.61
C ALA D 173 5.19 -10.90 -12.20
N VAL D 174 3.95 -10.88 -11.72
CA VAL D 174 3.68 -10.54 -10.33
C VAL D 174 3.27 -11.81 -9.61
N LEU D 175 3.66 -11.91 -8.35
CA LEU D 175 3.30 -13.04 -7.51
C LEU D 175 1.96 -12.73 -6.86
N GLN D 176 0.91 -13.43 -7.29
CA GLN D 176 -0.40 -13.26 -6.67
C GLN D 176 -0.41 -13.87 -5.28
N SER D 177 -1.41 -13.48 -4.49
CA SER D 177 -1.51 -13.96 -3.11
C SER D 177 -1.83 -15.44 -3.02
N SER D 178 -2.13 -16.10 -4.14
CA SER D 178 -2.38 -17.53 -4.20
C SER D 178 -1.12 -18.38 -4.36
N GLY D 179 0.05 -17.74 -4.43
CA GLY D 179 1.29 -18.44 -4.69
C GLY D 179 1.64 -18.57 -6.17
N LEU D 180 0.72 -18.28 -7.06
CA LEU D 180 0.93 -18.43 -8.50
C LEU D 180 1.27 -17.08 -9.12
N TYR D 181 1.95 -17.15 -10.26
CA TYR D 181 2.32 -15.94 -10.98
C TYR D 181 1.32 -15.64 -12.08
N SER D 182 1.35 -14.39 -12.54
CA SER D 182 0.65 -14.03 -13.75
C SER D 182 1.32 -12.80 -14.34
N LEU D 183 1.11 -12.60 -15.64
CA LEU D 183 1.67 -11.45 -16.33
C LEU D 183 0.81 -11.11 -17.53
N SER D 184 1.27 -10.11 -18.28
CA SER D 184 0.58 -9.62 -19.46
C SER D 184 1.59 -9.29 -20.55
N SER D 185 1.24 -9.62 -21.79
CA SER D 185 1.96 -9.18 -22.97
C SER D 185 1.01 -8.40 -23.85
N VAL D 186 1.43 -7.20 -24.27
CA VAL D 186 0.59 -6.31 -25.06
C VAL D 186 1.35 -5.87 -26.29
N VAL D 187 0.59 -5.40 -27.27
CA VAL D 187 1.17 -4.84 -28.49
C VAL D 187 0.26 -3.73 -28.99
N THR D 188 0.86 -2.64 -29.47
CA THR D 188 0.11 -1.60 -30.15
C THR D 188 0.28 -1.77 -31.66
N VAL D 189 -0.84 -1.73 -32.37
CA VAL D 189 -0.88 -1.99 -33.81
C VAL D 189 -1.72 -0.93 -34.45
N PRO D 190 -1.60 -0.74 -35.77
CA PRO D 190 -2.52 0.17 -36.46
C PRO D 190 -3.96 -0.33 -36.34
N SER D 191 -4.87 0.59 -36.04
CA SER D 191 -6.27 0.22 -35.88
C SER D 191 -6.92 -0.16 -37.20
N SER D 192 -6.35 0.27 -38.33
CA SER D 192 -6.83 -0.20 -39.62
C SER D 192 -6.55 -1.68 -39.86
N SER D 193 -5.68 -2.29 -39.05
CA SER D 193 -5.33 -3.70 -39.20
C SER D 193 -6.33 -4.63 -38.52
N LEU D 194 -7.18 -4.11 -37.63
CA LEU D 194 -8.13 -4.95 -36.90
C LEU D 194 -9.23 -5.46 -37.81
N GLY D 195 -8.91 -6.39 -38.70
CA GLY D 195 -9.88 -6.91 -39.64
C GLY D 195 -9.19 -7.55 -40.83
N THR D 196 -7.95 -7.13 -41.08
CA THR D 196 -7.13 -7.67 -42.16
C THR D 196 -5.89 -8.42 -41.67
N GLN D 197 -5.64 -8.43 -40.36
CA GLN D 197 -4.43 -9.04 -39.82
C GLN D 197 -4.80 -9.85 -38.58
N THR D 198 -4.31 -11.09 -38.51
CA THR D 198 -4.55 -11.94 -37.36
C THR D 198 -3.42 -11.78 -36.36
N TYR D 199 -3.79 -11.67 -35.09
CA TYR D 199 -2.85 -11.47 -33.99
C TYR D 199 -2.95 -12.67 -33.06
N ILE D 200 -1.88 -13.46 -33.01
CA ILE D 200 -1.82 -14.67 -32.20
C ILE D 200 -0.72 -14.50 -31.18
N CYS D 201 -1.07 -14.63 -29.90
CA CYS D 201 -0.08 -14.65 -28.83
CA CYS D 201 -0.11 -14.64 -28.81
C CYS D 201 0.32 -16.09 -28.55
N ASN D 202 1.62 -16.34 -28.59
CA ASN D 202 2.19 -17.67 -28.38
C ASN D 202 2.80 -17.73 -26.98
N VAL D 203 2.36 -18.68 -26.17
CA VAL D 203 2.76 -18.78 -24.77
C VAL D 203 3.32 -20.16 -24.52
N ASN D 204 4.52 -20.21 -23.94
CA ASN D 204 5.18 -21.46 -23.60
C ASN D 204 5.53 -21.44 -22.12
N HIS D 205 5.26 -22.55 -21.44
CA HIS D 205 5.62 -22.71 -20.03
C HIS D 205 6.29 -24.07 -19.96
N LYS D 206 7.62 -24.07 -20.04
CA LYS D 206 8.39 -25.31 -20.04
C LYS D 206 8.09 -26.22 -18.85
N PRO D 207 8.12 -25.74 -17.60
CA PRO D 207 7.98 -26.70 -16.48
C PRO D 207 6.70 -27.51 -16.51
N SER D 208 5.61 -26.99 -17.08
CA SER D 208 4.37 -27.74 -17.20
C SER D 208 4.12 -28.26 -18.61
N ASN D 209 5.05 -28.03 -19.55
CA ASN D 209 4.90 -28.48 -20.93
C ASN D 209 3.60 -27.95 -21.53
N THR D 210 3.35 -26.67 -21.29
CA THR D 210 2.15 -25.98 -21.76
C THR D 210 2.52 -25.08 -22.93
N LYS D 211 1.83 -25.26 -24.05
CA LYS D 211 1.98 -24.41 -25.21
C LYS D 211 0.59 -24.01 -25.67
N VAL D 212 0.34 -22.69 -25.71
CA VAL D 212 -0.93 -22.13 -26.14
C VAL D 212 -0.66 -21.12 -27.24
N ASP D 213 -1.47 -21.17 -28.30
CA ASP D 213 -1.47 -20.15 -29.34
C ASP D 213 -2.89 -19.57 -29.39
N LYS D 214 -3.05 -18.37 -28.85
CA LYS D 214 -4.36 -17.74 -28.70
C LYS D 214 -4.52 -16.58 -29.67
N LYS D 215 -5.55 -16.64 -30.51
CA LYS D 215 -5.89 -15.56 -31.43
C LYS D 215 -6.69 -14.50 -30.69
N VAL D 216 -6.29 -13.24 -30.84
CA VAL D 216 -6.96 -12.11 -30.18
C VAL D 216 -7.77 -11.37 -31.24
N GLU D 217 -9.13 -11.48 -31.15
CA GLU D 217 -10.07 -10.92 -32.11
C GLU D 217 -10.71 -9.65 -31.56
N PRO D 218 -11.08 -8.71 -32.43
CA PRO D 218 -11.63 -7.43 -31.97
C PRO D 218 -12.98 -7.58 -31.28
N LYS D 219 -13.31 -6.58 -30.46
N LYS D 219 -13.30 -6.58 -30.44
N LYS D 219 -13.28 -6.60 -30.41
N LYS D 219 -13.27 -6.60 -30.40
CA LYS D 219 -14.58 -6.49 -29.75
CA LYS D 219 -14.56 -6.52 -29.72
CA LYS D 219 -14.52 -6.55 -29.64
CA LYS D 219 -14.45 -6.56 -29.51
C LYS D 219 -14.79 -7.69 -28.83
C LYS D 219 -14.77 -7.75 -28.84
C LYS D 219 -14.80 -7.86 -28.90
C LYS D 219 -15.17 -7.88 -29.29
N ASP E 1 -55.45 -21.01 -0.92
CA ASP E 1 -55.81 -20.77 0.48
C ASP E 1 -56.42 -19.38 0.64
N THR E 2 -56.08 -18.71 1.74
CA THR E 2 -56.69 -17.44 2.09
C THR E 2 -55.69 -16.59 2.86
N ILE E 3 -55.47 -15.38 2.38
CA ILE E 3 -54.66 -14.38 3.07
C ILE E 3 -55.58 -13.50 3.89
N THR E 4 -55.46 -13.56 5.21
CA THR E 4 -56.29 -12.78 6.11
C THR E 4 -55.51 -11.58 6.63
N LEU E 5 -56.09 -10.40 6.49
CA LEU E 5 -55.47 -9.16 6.93
C LEU E 5 -56.15 -8.68 8.19
N PRO E 6 -55.41 -8.46 9.29
CA PRO E 6 -56.06 -7.89 10.48
C PRO E 6 -56.40 -6.42 10.28
N CYS E 7 -57.62 -6.05 10.66
CA CYS E 7 -58.12 -4.69 10.48
C CYS E 7 -58.60 -4.15 11.80
N ARG E 8 -58.32 -2.87 12.04
CA ARG E 8 -58.87 -2.17 13.19
C ARG E 8 -59.47 -0.84 12.75
N PRO E 9 -60.75 -0.63 13.04
CA PRO E 9 -61.64 -1.62 13.66
C PRO E 9 -62.17 -2.67 12.68
N ALA E 10 -63.12 -3.47 13.14
CA ALA E 10 -63.67 -4.54 12.33
C ALA E 10 -64.55 -3.96 11.22
N PRO E 11 -64.21 -4.15 9.94
CA PRO E 11 -65.07 -3.64 8.87
C PRO E 11 -66.32 -4.49 8.73
N PRO E 12 -67.49 -3.87 8.59
CA PRO E 12 -68.72 -4.64 8.38
C PRO E 12 -68.68 -5.39 7.07
N PRO E 13 -69.53 -6.41 6.91
CA PRO E 13 -69.50 -7.20 5.66
C PRO E 13 -69.79 -6.39 4.41
N HIS E 14 -70.61 -5.34 4.51
CA HIS E 14 -70.94 -4.52 3.35
C HIS E 14 -69.79 -3.64 2.89
N CYS E 15 -68.67 -3.63 3.61
CA CYS E 15 -67.48 -2.91 3.18
C CYS E 15 -66.58 -3.77 2.30
N SER E 16 -67.00 -4.98 1.95
CA SER E 16 -66.27 -5.78 0.99
C SER E 16 -66.21 -5.05 -0.34
N SER E 17 -65.02 -5.02 -0.94
CA SER E 17 -64.79 -4.24 -2.14
C SER E 17 -64.07 -5.11 -3.17
N ASN E 18 -63.84 -4.55 -4.34
CA ASN E 18 -62.98 -5.14 -5.34
C ASN E 18 -61.69 -4.33 -5.44
N ILE E 19 -60.56 -5.02 -5.41
CA ILE E 19 -59.28 -4.38 -5.65
C ILE E 19 -59.13 -4.18 -7.15
N THR E 20 -59.06 -2.92 -7.56
CA THR E 20 -58.93 -2.55 -8.96
C THR E 20 -57.52 -2.07 -9.32
N GLY E 21 -56.68 -1.82 -8.33
CA GLY E 21 -55.32 -1.39 -8.61
C GLY E 21 -54.57 -1.17 -7.31
N LEU E 22 -53.29 -0.84 -7.46
CA LEU E 22 -52.46 -0.50 -6.30
C LEU E 22 -51.40 0.50 -6.74
N ILE E 23 -50.67 1.02 -5.75
CA ILE E 23 -49.69 2.07 -5.98
C ILE E 23 -48.41 1.71 -5.23
N LEU E 24 -47.30 1.71 -5.95
CA LEU E 24 -46.04 1.17 -5.45
C LEU E 24 -44.93 2.21 -5.51
N THR E 25 -43.92 1.98 -4.68
CA THR E 25 -42.67 2.73 -4.72
C THR E 25 -41.55 1.76 -5.09
N ARG E 26 -40.64 2.20 -5.96
CA ARG E 26 -39.47 1.42 -6.32
C ARG E 26 -38.35 1.70 -5.32
N GLN E 27 -37.81 0.65 -4.71
CA GLN E 27 -36.77 0.84 -3.71
C GLN E 27 -35.49 1.36 -4.35
N GLY E 28 -34.94 2.42 -3.77
CA GLY E 28 -33.74 3.05 -4.27
C GLY E 28 -32.47 2.29 -3.92
N GLY E 29 -31.36 3.00 -3.96
CA GLY E 29 -30.07 2.39 -3.77
C GLY E 29 -29.62 1.62 -4.99
N TYR E 30 -28.53 0.88 -4.82
CA TYR E 30 -27.94 0.18 -5.95
C TYR E 30 -28.37 -1.29 -5.99
N SER E 31 -27.76 -2.12 -5.14
CA SER E 31 -27.84 -3.57 -5.23
C SER E 31 -27.33 -4.04 -6.58
N ASN E 32 -28.05 -3.69 -7.65
CA ASN E 32 -27.67 -4.06 -9.01
C ASN E 32 -27.45 -5.55 -9.14
N ALA E 33 -28.19 -6.33 -8.34
CA ALA E 33 -28.14 -7.78 -8.41
C ALA E 33 -29.17 -8.28 -9.42
N ASN E 34 -29.43 -7.46 -10.44
CA ASN E 34 -30.41 -7.73 -11.50
C ASN E 34 -31.84 -7.82 -10.98
N THR E 35 -32.08 -7.44 -9.72
CA THR E 35 -33.39 -7.47 -9.10
C THR E 35 -33.87 -6.06 -8.82
N VAL E 36 -35.19 -5.87 -8.87
CA VAL E 36 -35.82 -4.59 -8.52
C VAL E 36 -36.88 -4.86 -7.46
N ILE E 37 -36.77 -4.18 -6.35
CA ILE E 37 -37.70 -4.35 -5.24
C ILE E 37 -38.83 -3.32 -5.35
N PHE E 38 -40.02 -3.68 -4.90
CA PHE E 38 -41.15 -2.77 -4.84
C PHE E 38 -41.86 -2.93 -3.50
N ARG E 39 -42.34 -1.80 -2.98
CA ARG E 39 -43.10 -1.72 -1.75
C ARG E 39 -44.35 -0.90 -2.00
N PRO E 40 -45.36 -1.01 -1.14
CA PRO E 40 -46.50 -0.09 -1.23
C PRO E 40 -46.04 1.35 -1.01
N SER E 41 -46.77 2.29 -1.60
CA SER E 41 -46.23 3.62 -1.84
C SER E 41 -45.80 4.32 -0.56
N GLY E 42 -44.57 4.84 -0.58
CA GLY E 42 -44.09 5.68 0.49
C GLY E 42 -44.49 7.13 0.36
N GLY E 43 -45.36 7.47 -0.60
CA GLY E 43 -45.86 8.83 -0.78
C GLY E 43 -47.08 9.11 0.08
N ASP E 44 -47.91 10.04 -0.40
CA ASP E 44 -49.09 10.49 0.33
C ASP E 44 -50.33 10.57 -0.58
N TRP E 45 -51.22 11.52 -0.32
CA TRP E 45 -52.45 11.59 -1.10
C TRP E 45 -52.21 12.15 -2.49
N ARG E 46 -51.14 12.93 -2.69
CA ARG E 46 -50.81 13.43 -4.01
C ARG E 46 -50.51 12.27 -4.96
N ASP E 47 -49.65 11.33 -4.52
CA ASP E 47 -49.38 10.14 -5.33
C ASP E 47 -50.67 9.41 -5.69
N ILE E 48 -51.53 9.17 -4.69
CA ILE E 48 -52.76 8.43 -4.95
C ILE E 48 -53.65 9.19 -5.93
N ALA E 49 -53.87 10.48 -5.67
CA ALA E 49 -54.81 11.27 -6.47
C ALA E 49 -54.39 11.37 -7.92
N ARG E 50 -53.10 11.34 -8.21
CA ARG E 50 -52.63 11.53 -9.57
C ARG E 50 -52.59 10.23 -10.36
N CYS E 51 -52.93 9.10 -9.75
CA CYS E 51 -53.09 7.87 -10.52
C CYS E 51 -54.34 7.92 -11.39
N GLN E 52 -55.39 8.59 -10.92
CA GLN E 52 -56.64 8.77 -11.67
C GLN E 52 -57.31 7.44 -11.98
N ILE E 53 -57.34 6.55 -10.98
CA ILE E 53 -58.04 5.27 -11.09
C ILE E 53 -58.79 4.95 -9.81
N ALA E 54 -59.02 5.97 -8.97
CA ALA E 54 -59.44 5.75 -7.60
C ALA E 54 -60.91 5.38 -7.47
N GLY E 55 -61.81 6.20 -7.99
CA GLY E 55 -63.22 6.03 -7.68
C GLY E 55 -63.63 6.83 -6.46
N THR E 56 -64.84 6.56 -5.97
CA THR E 56 -65.38 7.36 -4.87
C THR E 56 -64.77 7.01 -3.53
N VAL E 57 -64.30 5.78 -3.35
CA VAL E 57 -63.82 5.36 -2.03
C VAL E 57 -62.40 5.85 -1.84
N VAL E 58 -62.14 6.45 -0.68
CA VAL E 58 -60.83 6.96 -0.32
C VAL E 58 -60.04 5.82 0.31
N SER E 59 -58.91 5.47 -0.30
CA SER E 59 -58.11 4.35 0.18
C SER E 59 -56.65 4.63 -0.08
N THR E 60 -55.78 3.88 0.61
CA THR E 60 -54.35 3.91 0.41
C THR E 60 -53.86 2.53 0.00
N GLN E 61 -52.68 2.51 -0.64
CA GLN E 61 -51.99 1.28 -1.04
C GLN E 61 -52.75 0.52 -2.12
N LEU E 62 -54.00 0.19 -1.85
CA LEU E 62 -54.86 -0.52 -2.78
C LEU E 62 -56.01 0.38 -3.21
N PHE E 63 -56.35 0.32 -4.50
CA PHE E 63 -57.52 1.02 -5.01
C PHE E 63 -58.74 0.10 -4.90
N LEU E 64 -59.76 0.56 -4.18
CA LEU E 64 -61.00 -0.17 -4.00
C LEU E 64 -62.06 0.40 -4.93
N ASN E 65 -62.75 -0.49 -5.66
CA ASN E 65 -63.94 -0.12 -6.42
C ASN E 65 -63.66 1.02 -7.40
N GLY E 66 -62.48 0.97 -8.02
CA GLY E 66 -62.05 2.00 -8.94
C GLY E 66 -62.16 1.57 -10.40
N SER E 67 -61.46 2.30 -11.25
CA SER E 67 -61.47 2.00 -12.68
C SER E 67 -60.60 0.78 -12.96
N LEU E 68 -61.08 -0.09 -13.83
CA LEU E 68 -60.34 -1.27 -14.26
C LEU E 68 -59.74 -1.03 -15.65
N ALA E 69 -58.67 -1.76 -15.93
CA ALA E 69 -58.01 -1.66 -17.21
C ALA E 69 -58.84 -2.36 -18.29
N GLU E 70 -58.56 -2.00 -19.54
CA GLU E 70 -59.39 -2.45 -20.65
C GLU E 70 -59.13 -3.91 -21.00
N GLU E 71 -57.86 -4.33 -21.05
CA GLU E 71 -57.53 -5.69 -21.45
C GLU E 71 -56.48 -6.32 -20.54
N GLU E 72 -55.34 -5.66 -20.38
CA GLU E 72 -54.22 -6.15 -19.59
C GLU E 72 -53.98 -5.22 -18.40
N VAL E 73 -53.28 -5.76 -17.40
CA VAL E 73 -52.79 -4.91 -16.33
C VAL E 73 -51.85 -3.87 -16.94
N VAL E 74 -52.06 -2.61 -16.57
CA VAL E 74 -51.31 -1.48 -17.13
C VAL E 74 -50.70 -0.69 -15.98
N ILE E 75 -49.40 -0.39 -16.09
CA ILE E 75 -48.67 0.37 -15.09
C ILE E 75 -48.29 1.72 -15.68
N ARG E 76 -48.30 2.75 -14.84
CA ARG E 76 -47.95 4.09 -15.29
C ARG E 76 -47.12 4.79 -14.21
N SER E 77 -46.37 5.79 -14.63
CA SER E 77 -45.61 6.63 -13.71
C SER E 77 -45.30 7.96 -14.37
N GLU E 78 -45.20 9.00 -13.53
CA GLU E 78 -44.84 10.31 -14.05
C GLU E 78 -43.38 10.34 -14.51
N ASP E 79 -42.53 9.49 -13.92
CA ASP E 79 -41.11 9.43 -14.28
C ASP E 79 -40.55 8.12 -13.76
N TRP E 80 -40.30 7.16 -14.66
CA TRP E 80 -39.83 5.85 -14.22
C TRP E 80 -38.48 5.92 -13.53
N ARG E 81 -37.68 6.94 -13.84
CA ARG E 81 -36.31 7.08 -13.35
C ARG E 81 -36.23 7.76 -12.00
N ASP E 82 -37.36 8.18 -11.42
CA ASP E 82 -37.40 8.91 -10.16
C ASP E 82 -38.05 8.00 -9.13
N ASN E 83 -37.25 7.40 -8.24
CA ASN E 83 -37.81 6.51 -7.23
C ASN E 83 -38.70 7.24 -6.25
N ALA E 84 -38.85 8.57 -6.36
CA ALA E 84 -39.78 9.33 -5.55
C ALA E 84 -41.13 9.53 -6.23
N LYS E 85 -41.29 9.08 -7.47
CA LYS E 85 -42.59 9.07 -8.12
C LYS E 85 -43.17 7.67 -8.02
N SER E 86 -44.45 7.59 -7.67
CA SER E 86 -45.08 6.31 -7.47
C SER E 86 -45.47 5.68 -8.81
N ILE E 87 -45.72 4.38 -8.76
CA ILE E 87 -46.04 3.59 -9.93
C ILE E 87 -47.49 3.13 -9.77
N CYS E 88 -48.38 3.66 -10.62
CA CYS E 88 -49.79 3.31 -10.57
C CYS E 88 -50.01 2.02 -11.32
N VAL E 89 -50.57 1.03 -10.65
CA VAL E 89 -50.86 -0.27 -11.25
C VAL E 89 -52.38 -0.40 -11.36
N GLN E 90 -52.88 -0.47 -12.59
CA GLN E 90 -54.31 -0.67 -12.82
C GLN E 90 -54.56 -2.10 -13.23
N LEU E 91 -55.41 -2.79 -12.48
CA LEU E 91 -55.72 -4.17 -12.80
C LEU E 91 -56.77 -4.25 -13.90
N ALA E 92 -56.76 -5.37 -14.63
CA ALA E 92 -57.83 -5.63 -15.59
C ALA E 92 -58.90 -6.53 -14.97
N THR E 93 -58.50 -7.41 -14.06
CA THR E 93 -59.42 -8.28 -13.32
C THR E 93 -59.38 -7.88 -11.86
N SER E 94 -60.54 -7.54 -11.30
CA SER E 94 -60.58 -7.14 -9.90
C SER E 94 -60.36 -8.35 -9.00
N VAL E 95 -59.86 -8.09 -7.80
CA VAL E 95 -59.66 -9.12 -6.78
C VAL E 95 -60.55 -8.78 -5.60
N GLU E 96 -61.55 -9.62 -5.35
CA GLU E 96 -62.49 -9.35 -4.28
C GLU E 96 -61.82 -9.51 -2.94
N ILE E 97 -62.13 -8.59 -2.02
CA ILE E 97 -61.63 -8.64 -0.64
C ILE E 97 -62.87 -8.67 0.25
N ALA E 98 -63.06 -9.80 0.95
CA ALA E 98 -64.28 -10.08 1.69
C ALA E 98 -64.08 -9.78 3.17
N CYS E 99 -64.86 -8.84 3.71
CA CYS E 99 -64.83 -8.53 5.12
C CYS E 99 -65.86 -9.38 5.85
N THR E 100 -65.39 -10.15 6.83
CA THR E 100 -66.29 -11.01 7.60
C THR E 100 -67.01 -10.25 8.71
N GLY E 101 -66.40 -9.18 9.22
CA GLY E 101 -66.93 -8.44 10.34
C GLY E 101 -66.30 -8.81 11.68
N ALA E 102 -65.42 -9.80 11.71
CA ALA E 102 -64.79 -10.25 12.93
C ALA E 102 -63.48 -9.51 13.23
N GLY E 103 -62.97 -8.70 12.31
CA GLY E 103 -61.74 -7.99 12.56
C GLY E 103 -60.65 -8.37 11.58
N HIS E 104 -61.04 -8.94 10.45
CA HIS E 104 -60.07 -9.26 9.41
C HIS E 104 -60.78 -9.32 8.07
N CYS E 105 -60.02 -8.98 7.03
CA CYS E 105 -60.47 -9.06 5.64
C CYS E 105 -59.64 -10.11 4.91
N ALA E 106 -60.30 -10.91 4.09
CA ALA E 106 -59.66 -12.04 3.43
C ALA E 106 -59.70 -11.87 1.92
N ILE E 107 -58.59 -12.24 1.27
CA ILE E 107 -58.50 -12.30 -0.19
C ILE E 107 -57.96 -13.66 -0.59
N SER E 108 -58.36 -14.13 -1.77
CA SER E 108 -57.93 -15.44 -2.24
C SER E 108 -56.45 -15.43 -2.57
N ARG E 109 -55.70 -16.37 -1.98
CA ARG E 109 -54.26 -16.43 -2.21
C ARG E 109 -53.94 -16.70 -3.67
N ALA E 110 -54.72 -17.55 -4.31
CA ALA E 110 -54.49 -17.88 -5.72
C ALA E 110 -54.72 -16.66 -6.61
N LYS E 111 -55.84 -15.97 -6.42
CA LYS E 111 -56.15 -14.80 -7.26
C LYS E 111 -55.08 -13.72 -7.09
N TRP E 112 -54.57 -13.52 -5.87
CA TRP E 112 -53.57 -12.49 -5.63
C TRP E 112 -52.24 -12.84 -6.28
N ALA E 113 -51.81 -14.10 -6.16
CA ALA E 113 -50.56 -14.52 -6.76
C ALA E 113 -50.59 -14.37 -8.28
N ASN E 114 -51.73 -14.65 -8.91
CA ASN E 114 -51.81 -14.50 -10.36
C ASN E 114 -51.78 -13.03 -10.76
N THR E 115 -52.38 -12.16 -9.96
CA THR E 115 -52.29 -10.73 -10.21
C THR E 115 -50.85 -10.24 -10.09
N LEU E 116 -50.16 -10.64 -9.00
CA LEU E 116 -48.77 -10.24 -8.81
C LEU E 116 -47.89 -10.70 -9.97
N LYS E 117 -48.12 -11.91 -10.48
CA LYS E 117 -47.34 -12.41 -11.61
C LYS E 117 -47.52 -11.54 -12.84
N GLN E 118 -48.74 -11.03 -13.08
CA GLN E 118 -48.96 -10.14 -14.21
C GLN E 118 -48.37 -8.76 -13.95
N ILE E 119 -48.46 -8.27 -12.71
CA ILE E 119 -47.81 -7.02 -12.35
C ILE E 119 -46.30 -7.15 -12.52
N ALA E 120 -45.73 -8.26 -12.06
CA ALA E 120 -44.30 -8.46 -12.18
C ALA E 120 -43.88 -8.50 -13.65
N SER E 121 -44.68 -9.15 -14.49
CA SER E 121 -44.34 -9.24 -15.90
C SER E 121 -44.34 -7.86 -16.56
N LYS E 122 -45.28 -6.99 -16.17
CA LYS E 122 -45.31 -5.64 -16.72
C LYS E 122 -44.20 -4.78 -16.12
N LEU E 123 -43.90 -4.98 -14.83
CA LEU E 123 -42.76 -4.30 -14.22
C LEU E 123 -41.44 -4.79 -14.81
N ARG E 124 -41.35 -6.09 -15.09
CA ARG E 124 -40.12 -6.67 -15.61
C ARG E 124 -39.77 -6.07 -16.98
N GLU E 125 -40.79 -5.82 -17.81
CA GLU E 125 -40.54 -5.25 -19.13
C GLU E 125 -40.27 -3.76 -19.10
N GLN E 126 -40.71 -3.07 -18.05
CA GLN E 126 -40.51 -1.62 -17.98
C GLN E 126 -39.12 -1.27 -17.46
N TYR E 127 -38.61 -2.03 -16.50
CA TYR E 127 -37.29 -1.78 -15.93
C TYR E 127 -36.22 -2.71 -16.49
N GLY E 128 -36.57 -3.53 -17.49
CA GLY E 128 -35.60 -4.42 -18.11
C GLY E 128 -34.86 -5.32 -17.14
N ALA E 129 -35.52 -5.77 -16.08
CA ALA E 129 -34.87 -6.59 -15.08
C ALA E 129 -35.21 -8.06 -15.32
N LYS E 130 -34.77 -8.91 -14.39
CA LYS E 130 -35.07 -10.33 -14.43
C LYS E 130 -35.85 -10.79 -13.20
N THR E 131 -35.58 -10.23 -12.03
CA THR E 131 -36.24 -10.61 -10.79
C THR E 131 -36.98 -9.40 -10.21
N ILE E 132 -38.23 -9.61 -9.82
CA ILE E 132 -39.05 -8.58 -9.21
C ILE E 132 -39.45 -9.07 -7.83
N ILE E 133 -39.07 -8.32 -6.80
CA ILE E 133 -39.40 -8.66 -5.42
C ILE E 133 -40.39 -7.64 -4.89
N PHE E 134 -41.46 -8.12 -4.27
CA PHE E 134 -42.38 -7.29 -3.52
C PHE E 134 -42.07 -7.43 -2.03
N LYS E 135 -41.91 -6.32 -1.36
CA LYS E 135 -41.64 -6.28 0.06
C LYS E 135 -42.67 -5.40 0.76
N PRO E 136 -42.87 -5.58 2.07
CA PRO E 136 -43.87 -4.77 2.76
C PRO E 136 -43.49 -3.29 2.84
N SER E 137 -44.35 -2.51 3.48
CA SER E 137 -44.15 -1.06 3.54
C SER E 137 -42.90 -0.70 4.31
N SER E 138 -42.26 0.40 3.90
CA SER E 138 -41.07 0.89 4.58
C SER E 138 -41.39 1.56 5.91
N GLY E 139 -42.65 1.81 6.20
CA GLY E 139 -43.07 2.49 7.41
C GLY E 139 -43.87 3.73 7.08
N GLY E 140 -44.19 4.49 8.13
CA GLY E 140 -44.94 5.72 7.98
C GLY E 140 -46.09 5.76 8.94
N ASP E 141 -46.96 6.76 8.73
CA ASP E 141 -48.12 6.94 9.58
C ASP E 141 -49.13 5.83 9.32
N PRO E 142 -50.03 5.59 10.29
CA PRO E 142 -50.92 4.41 10.20
C PRO E 142 -51.79 4.37 8.96
N GLU E 143 -52.29 5.51 8.48
CA GLU E 143 -53.12 5.48 7.28
C GLU E 143 -52.34 5.01 6.05
N PHE E 144 -51.03 5.21 6.01
CA PHE E 144 -50.26 4.85 4.82
C PHE E 144 -49.41 3.61 4.97
N VAL E 145 -48.96 3.26 6.18
CA VAL E 145 -48.23 2.02 6.34
C VAL E 145 -49.19 0.84 6.26
N ASN E 146 -50.46 1.07 6.59
CA ASN E 146 -51.51 0.09 6.42
C ASN E 146 -52.28 0.39 5.14
N HIS E 147 -52.93 -0.63 4.61
CA HIS E 147 -53.99 -0.40 3.64
C HIS E 147 -55.19 0.16 4.38
N SER E 148 -55.53 1.42 4.12
CA SER E 148 -56.57 2.12 4.85
C SER E 148 -57.66 2.56 3.90
N PHE E 149 -58.91 2.47 4.34
CA PHE E 149 -59.99 2.83 3.44
C PHE E 149 -61.17 3.38 4.21
N ASN E 150 -61.95 4.18 3.50
CA ASN E 150 -63.13 4.85 4.01
C ASN E 150 -64.36 4.04 3.59
N CYS E 151 -65.24 3.77 4.54
CA CYS E 151 -66.46 3.04 4.25
C CYS E 151 -67.51 3.44 5.26
N GLY E 152 -68.61 4.03 4.77
CA GLY E 152 -69.71 4.41 5.64
C GLY E 152 -69.34 5.40 6.72
N GLY E 153 -68.50 6.38 6.41
CA GLY E 153 -68.13 7.40 7.36
C GLY E 153 -67.15 6.98 8.43
N GLU E 154 -66.65 5.75 8.37
CA GLU E 154 -65.68 5.23 9.33
C GLU E 154 -64.41 4.84 8.58
N PHE E 155 -63.26 5.06 9.22
CA PHE E 155 -61.95 4.78 8.64
C PHE E 155 -61.38 3.48 9.20
N PHE E 156 -60.85 2.64 8.32
CA PHE E 156 -60.35 1.31 8.70
C PHE E 156 -58.89 1.14 8.30
N TYR E 157 -58.15 0.44 9.15
CA TYR E 157 -56.72 0.21 8.96
C TYR E 157 -56.45 -1.28 8.93
N CYS E 158 -55.86 -1.78 7.84
CA CYS E 158 -55.59 -3.21 7.68
C CYS E 158 -54.13 -3.42 7.33
N ALA E 159 -53.49 -4.36 8.02
CA ALA E 159 -52.07 -4.62 7.82
C ALA E 159 -51.89 -5.39 6.51
N SER E 160 -51.07 -4.83 5.61
CA SER E 160 -50.92 -5.38 4.27
C SER E 160 -49.64 -6.18 4.10
N THR E 161 -48.97 -6.54 5.20
CA THR E 161 -47.67 -7.20 5.13
C THR E 161 -47.73 -8.48 4.30
N GLN E 162 -48.76 -9.31 4.53
CA GLN E 162 -48.87 -10.59 3.86
C GLN E 162 -49.15 -10.45 2.36
N LEU E 163 -49.50 -9.26 1.88
CA LEU E 163 -49.78 -9.05 0.47
C LEU E 163 -48.54 -8.70 -0.35
N PHE E 164 -47.45 -8.28 0.29
CA PHE E 164 -46.25 -7.85 -0.41
C PHE E 164 -45.05 -8.63 0.16
N ALA E 165 -44.98 -9.91 -0.18
CA ALA E 165 -43.90 -10.76 0.30
C ALA E 165 -43.67 -11.92 -0.66
N SER E 166 -43.27 -11.60 -1.89
CA SER E 166 -43.05 -12.64 -2.89
C SER E 166 -41.93 -12.23 -3.83
N THR E 167 -41.39 -13.21 -4.54
CA THR E 167 -40.34 -13.02 -5.53
C THR E 167 -40.78 -13.65 -6.84
N TRP E 168 -40.42 -13.01 -7.96
CA TRP E 168 -40.90 -13.42 -9.28
C TRP E 168 -39.75 -13.33 -10.29
N PHE E 169 -39.37 -14.47 -10.86
CA PHE E 169 -38.29 -14.51 -11.85
C PHE E 169 -38.81 -14.33 -13.26
N ASP F 1 28.77 -4.88 12.21
CA ASP F 1 29.67 -4.30 11.22
C ASP F 1 29.29 -2.86 10.87
N ILE F 2 29.68 -2.43 9.68
CA ILE F 2 29.50 -1.06 9.23
C ILE F 2 28.37 -1.04 8.21
N VAL F 3 27.70 0.11 8.10
CA VAL F 3 26.61 0.30 7.15
C VAL F 3 27.08 1.28 6.08
N MET F 4 27.02 0.84 4.82
CA MET F 4 27.34 1.68 3.68
C MET F 4 26.05 2.21 3.09
N THR F 5 25.98 3.52 2.90
CA THR F 5 24.79 4.17 2.39
C THR F 5 25.12 4.78 1.04
N GLN F 6 24.37 4.40 0.01
CA GLN F 6 24.56 4.94 -1.32
C GLN F 6 23.51 5.99 -1.64
N SER F 7 23.96 7.10 -2.22
CA SER F 7 23.05 8.13 -2.68
C SER F 7 23.48 8.60 -4.07
N PRO F 8 22.50 8.81 -4.96
CA PRO F 8 21.09 8.52 -4.70
C PRO F 8 20.75 7.06 -4.99
N ASP F 9 19.50 6.64 -4.79
CA ASP F 9 19.11 5.26 -5.09
C ASP F 9 18.78 5.06 -6.56
N SER F 10 18.44 6.14 -7.27
CA SER F 10 18.18 6.14 -8.69
C SER F 10 18.78 7.39 -9.31
N LEU F 11 19.38 7.23 -10.48
CA LEU F 11 20.03 8.35 -11.15
C LEU F 11 19.70 8.28 -12.63
N ALA F 12 19.14 9.35 -13.16
CA ALA F 12 18.83 9.44 -14.58
C ALA F 12 19.75 10.49 -15.19
N VAL F 13 20.57 10.06 -16.13
CA VAL F 13 21.59 10.90 -16.76
C VAL F 13 21.31 10.92 -18.26
N SER F 14 21.42 12.10 -18.86
CA SER F 14 21.36 12.20 -20.31
C SER F 14 22.60 11.54 -20.93
N LEU F 15 22.40 10.94 -22.10
CA LEU F 15 23.50 10.36 -22.86
C LEU F 15 24.63 11.37 -23.00
N GLY F 16 25.85 10.93 -22.72
CA GLY F 16 27.00 11.79 -22.84
C GLY F 16 27.29 12.65 -21.64
N GLU F 17 26.43 12.65 -20.63
CA GLU F 17 26.63 13.51 -19.47
C GLU F 17 27.29 12.72 -18.34
N ARG F 18 27.78 13.46 -17.33
CA ARG F 18 28.47 12.87 -16.20
C ARG F 18 27.49 12.31 -15.19
N ALA F 19 27.79 11.12 -14.68
CA ALA F 19 27.03 10.51 -13.60
C ALA F 19 27.93 10.39 -12.38
N THR F 20 27.38 10.72 -11.22
CA THR F 20 28.13 10.66 -9.97
CA THR F 20 28.13 10.66 -9.97
C THR F 20 27.30 9.89 -8.94
N ILE F 21 27.91 8.89 -8.32
CA ILE F 21 27.26 8.08 -7.30
C ILE F 21 28.07 8.20 -6.03
N ASN F 22 27.40 8.42 -4.91
CA ASN F 22 28.08 8.61 -3.65
C ASN F 22 27.84 7.42 -2.73
N CYS F 23 28.75 7.24 -1.78
CA CYS F 23 28.67 6.13 -0.84
C CYS F 23 29.45 6.56 0.38
N LYS F 24 28.82 6.51 1.56
CA LYS F 24 29.52 6.82 2.80
C LYS F 24 29.22 5.74 3.84
N SER F 25 30.20 5.52 4.71
CA SER F 25 30.05 4.54 5.77
C SER F 25 29.60 5.21 7.05
N SER F 26 28.95 4.42 7.91
CA SER F 26 28.53 4.89 9.23
C SER F 26 29.68 4.91 10.23
N GLN F 27 30.88 4.52 9.83
CA GLN F 27 32.05 4.57 10.69
C GLN F 27 33.17 5.38 10.05
N LYS F 36 44.95 1.59 1.25
CA LYS F 36 44.63 2.19 2.54
C LYS F 36 43.11 2.30 2.73
N ASN F 37 42.40 2.67 1.65
CA ASN F 37 40.95 2.74 1.65
C ASN F 37 40.42 1.58 0.80
N TYR F 38 39.78 0.61 1.46
CA TYR F 38 39.22 -0.55 0.76
C TYR F 38 37.78 -0.26 0.39
N LEU F 39 37.61 0.51 -0.67
CA LEU F 39 36.31 0.69 -1.31
C LEU F 39 36.35 0.01 -2.66
N ALA F 40 35.31 -0.73 -2.99
CA ALA F 40 35.19 -1.35 -4.30
C ALA F 40 33.86 -0.98 -4.91
N TRP F 41 33.84 -0.82 -6.23
CA TRP F 41 32.63 -0.49 -6.97
C TRP F 41 32.30 -1.60 -7.95
N TYR F 42 31.04 -2.02 -7.98
CA TYR F 42 30.59 -3.09 -8.85
C TYR F 42 29.48 -2.60 -9.78
N GLN F 43 29.37 -3.23 -10.93
CA GLN F 43 28.30 -2.97 -11.89
C GLN F 43 27.51 -4.26 -12.10
N GLN F 44 26.19 -4.19 -11.97
CA GLN F 44 25.35 -5.37 -12.16
C GLN F 44 24.26 -5.08 -13.18
N LYS F 45 24.19 -5.91 -14.21
CA LYS F 45 23.18 -5.90 -15.24
C LYS F 45 22.21 -7.06 -15.02
N PRO F 46 21.03 -7.02 -15.63
CA PRO F 46 20.04 -8.08 -15.41
C PRO F 46 20.56 -9.47 -15.79
N GLY F 47 20.28 -10.43 -14.92
CA GLY F 47 20.66 -11.81 -15.14
C GLY F 47 22.12 -12.13 -14.91
N GLN F 48 22.92 -11.17 -14.46
CA GLN F 48 24.34 -11.41 -14.33
C GLN F 48 24.80 -11.12 -12.90
N PRO F 49 25.88 -11.75 -12.45
CA PRO F 49 26.46 -11.38 -11.16
C PRO F 49 27.04 -9.97 -11.23
N PRO F 50 27.28 -9.34 -10.09
CA PRO F 50 27.99 -8.05 -10.11
C PRO F 50 29.38 -8.22 -10.71
N LYS F 51 29.83 -7.17 -11.40
CA LYS F 51 31.15 -7.14 -12.03
C LYS F 51 32.00 -6.05 -11.37
N LEU F 52 33.20 -6.41 -10.96
CA LEU F 52 34.10 -5.46 -10.30
C LEU F 52 34.63 -4.44 -11.29
N LEU F 53 34.43 -3.15 -10.98
CA LEU F 53 34.95 -2.04 -11.76
C LEU F 53 36.17 -1.38 -11.13
N ILE F 54 36.08 -1.04 -9.84
CA ILE F 54 37.07 -0.26 -9.10
C ILE F 54 37.35 -0.97 -7.79
N TYR F 55 38.63 -1.05 -7.41
CA TYR F 55 39.05 -1.52 -6.09
C TYR F 55 40.12 -0.56 -5.55
N TRP F 56 40.35 -0.63 -4.24
CA TRP F 56 41.22 0.33 -3.54
C TRP F 56 40.77 1.76 -3.81
N ALA F 57 39.44 1.96 -3.82
CA ALA F 57 38.78 3.25 -3.93
C ALA F 57 38.92 3.86 -5.32
N SER F 58 40.04 3.63 -5.99
CA SER F 58 40.31 4.35 -7.22
C SER F 58 41.10 3.56 -8.25
N THR F 59 41.52 2.33 -7.98
CA THR F 59 42.25 1.56 -8.98
C THR F 59 41.25 0.81 -9.86
N ARG F 60 41.39 0.98 -11.16
CA ARG F 60 40.47 0.45 -12.15
C ARG F 60 40.88 -0.96 -12.54
N GLU F 61 39.91 -1.88 -12.51
CA GLU F 61 40.08 -3.24 -13.00
C GLU F 61 40.50 -3.24 -14.47
N SER F 62 41.12 -4.34 -14.90
CA SER F 62 41.53 -4.47 -16.29
C SER F 62 40.32 -4.63 -17.21
N GLY F 63 40.41 -4.05 -18.41
CA GLY F 63 39.31 -4.06 -19.34
C GLY F 63 38.22 -3.04 -19.09
N VAL F 64 38.29 -2.30 -17.98
CA VAL F 64 37.26 -1.35 -17.59
C VAL F 64 37.52 0.00 -18.24
N PRO F 65 36.58 0.55 -19.01
CA PRO F 65 36.82 1.80 -19.74
C PRO F 65 37.30 2.94 -18.83
N ASP F 66 38.09 3.83 -19.43
CA ASP F 66 38.66 4.97 -18.72
C ASP F 66 37.61 5.93 -18.17
N ARG F 67 36.38 5.89 -18.68
CA ARG F 67 35.38 6.85 -18.22
C ARG F 67 34.87 6.55 -16.81
N PHE F 68 35.21 5.39 -16.26
CA PHE F 68 34.89 5.07 -14.87
C PHE F 68 36.07 5.47 -13.99
N SER F 69 35.82 6.33 -13.00
CA SER F 69 36.81 6.68 -12.01
C SER F 69 36.18 6.70 -10.62
N GLY F 70 36.98 6.39 -9.63
CA GLY F 70 36.56 6.54 -8.24
C GLY F 70 37.53 7.41 -7.49
N SER F 71 37.06 8.00 -6.38
CA SER F 71 37.90 8.84 -5.55
C SER F 71 37.29 8.92 -4.15
N GLY F 72 38.03 9.54 -3.24
CA GLY F 72 37.62 9.69 -1.87
C GLY F 72 38.57 8.99 -0.91
N SER F 73 38.34 9.25 0.37
CA SER F 73 39.11 8.62 1.44
C SER F 73 38.29 8.67 2.72
N GLY F 74 38.73 7.87 3.70
CA GLY F 74 38.06 7.83 4.99
C GLY F 74 36.64 7.29 4.93
N THR F 75 35.66 8.20 4.90
CA THR F 75 34.26 7.82 4.95
C THR F 75 33.44 8.32 3.76
N ASP F 76 34.02 9.11 2.86
CA ASP F 76 33.32 9.62 1.69
C ASP F 76 33.97 9.10 0.42
N PHE F 77 33.16 8.52 -0.46
CA PHE F 77 33.65 7.89 -1.68
C PHE F 77 32.68 8.14 -2.83
N THR F 78 33.26 8.27 -4.03
CA THR F 78 32.50 8.67 -5.21
C THR F 78 32.89 7.81 -6.40
N LEU F 79 31.88 7.36 -7.15
CA LEU F 79 32.07 6.73 -8.45
C LEU F 79 31.58 7.68 -9.52
N THR F 80 32.40 7.92 -10.54
CA THR F 80 32.06 8.87 -11.59
C THR F 80 32.15 8.20 -12.94
N ILE F 81 31.10 8.34 -13.75
CA ILE F 81 31.13 8.01 -15.17
C ILE F 81 31.15 9.33 -15.92
N SER F 82 32.25 9.62 -16.61
CA SER F 82 32.42 10.95 -17.18
C SER F 82 31.49 11.19 -18.36
N SER F 83 31.21 10.15 -19.15
CA SER F 83 30.37 10.28 -20.34
C SER F 83 29.50 9.03 -20.43
N LEU F 84 28.22 9.17 -20.15
CA LEU F 84 27.35 8.01 -20.02
C LEU F 84 27.03 7.41 -21.38
N GLN F 85 27.30 6.12 -21.54
CA GLN F 85 26.92 5.40 -22.74
C GLN F 85 25.75 4.49 -22.44
N ALA F 86 25.00 4.14 -23.50
CA ALA F 86 23.82 3.29 -23.30
C ALA F 86 24.17 2.02 -22.54
N GLU F 87 25.36 1.46 -22.79
CA GLU F 87 25.81 0.22 -22.16
CA GLU F 87 25.82 0.23 -22.16
C GLU F 87 26.17 0.40 -20.68
N ASP F 88 26.14 1.63 -20.15
CA ASP F 88 26.46 1.85 -18.74
C ASP F 88 25.22 1.82 -17.86
N VAL F 89 24.04 1.59 -18.44
CA VAL F 89 22.80 1.47 -17.68
C VAL F 89 22.85 0.16 -16.89
N ALA F 90 22.92 0.27 -15.57
CA ALA F 90 23.02 -0.90 -14.69
C ALA F 90 22.77 -0.44 -13.27
N VAL F 91 22.91 -1.38 -12.33
CA VAL F 91 22.92 -1.06 -10.90
C VAL F 91 24.36 -1.10 -10.43
N TYR F 92 24.76 -0.11 -9.64
CA TYR F 92 26.11 0.02 -9.13
C TYR F 92 26.12 -0.09 -7.61
N TYR F 93 27.00 -0.94 -7.10
CA TYR F 93 27.16 -1.15 -5.67
C TYR F 93 28.56 -0.75 -5.24
N CYS F 94 28.66 -0.14 -4.06
CA CYS F 94 29.93 -0.01 -3.38
C CYS F 94 30.05 -1.12 -2.34
N GLN F 95 31.28 -1.45 -1.98
CA GLN F 95 31.54 -2.46 -0.97
C GLN F 95 32.76 -2.08 -0.17
N GLN F 96 32.66 -2.21 1.15
CA GLN F 96 33.78 -2.02 2.06
C GLN F 96 33.74 -3.16 3.09
N TYR F 97 34.84 -3.90 3.17
CA TYR F 97 34.88 -5.16 3.94
C TYR F 97 33.74 -6.02 3.41
N TYR F 98 32.83 -6.51 4.24
CA TYR F 98 31.77 -7.39 3.75
C TYR F 98 30.39 -6.76 3.94
N SER F 99 30.34 -5.43 3.82
CA SER F 99 29.09 -4.68 3.80
C SER F 99 28.92 -4.09 2.41
N PHE F 100 27.72 -4.24 1.85
CA PHE F 100 27.41 -3.72 0.53
C PHE F 100 26.48 -2.52 0.64
N GLY F 101 26.64 -1.58 -0.28
CA GLY F 101 25.68 -0.51 -0.40
C GLY F 101 24.35 -1.03 -0.91
N GLY F 102 23.32 -0.20 -0.75
CA GLY F 102 22.00 -0.58 -1.20
C GLY F 102 21.83 -0.63 -2.70
N GLY F 103 22.72 0.01 -3.45
CA GLY F 103 22.67 0.04 -4.90
C GLY F 103 22.14 1.34 -5.44
N THR F 104 22.56 1.68 -6.66
CA THR F 104 22.12 2.87 -7.38
C THR F 104 21.76 2.45 -8.79
N LYS F 105 20.49 2.52 -9.14
CA LYS F 105 20.08 2.19 -10.50
C LYS F 105 20.32 3.40 -11.39
N VAL F 106 21.13 3.22 -12.44
CA VAL F 106 21.44 4.27 -13.39
C VAL F 106 20.60 4.05 -14.64
N GLU F 107 19.87 5.08 -15.07
CA GLU F 107 18.96 5.00 -16.20
C GLU F 107 19.25 6.15 -17.17
N ILE F 108 18.68 6.05 -18.37
CA ILE F 108 18.79 7.12 -19.36
C ILE F 108 17.72 8.16 -19.08
N LYS F 109 18.14 9.41 -18.90
CA LYS F 109 17.19 10.51 -18.85
C LYS F 109 16.81 10.93 -20.28
N ARG F 110 15.51 11.09 -20.51
CA ARG F 110 14.97 11.60 -21.77
C ARG F 110 13.84 12.56 -21.43
N THR F 111 13.33 13.25 -22.45
CA THR F 111 12.21 14.17 -22.23
C THR F 111 10.98 13.43 -21.72
N VAL F 112 10.04 14.21 -21.19
CA VAL F 112 8.79 13.69 -20.66
C VAL F 112 7.92 13.18 -21.80
N ALA F 113 7.37 11.98 -21.63
CA ALA F 113 6.38 11.41 -22.54
C ALA F 113 5.19 10.93 -21.73
N ALA F 114 4.01 11.40 -22.10
CA ALA F 114 2.80 11.01 -21.39
C ALA F 114 2.36 9.59 -21.79
N PRO F 115 1.80 8.84 -20.86
CA PRO F 115 1.32 7.50 -21.19
C PRO F 115 0.10 7.57 -22.09
N SER F 116 0.00 6.59 -22.98
CA SER F 116 -1.27 6.24 -23.60
C SER F 116 -1.95 5.22 -22.70
N VAL F 117 -3.24 5.42 -22.44
CA VAL F 117 -3.97 4.64 -21.44
C VAL F 117 -5.03 3.82 -22.14
N PHE F 118 -5.00 2.51 -21.90
CA PHE F 118 -5.97 1.56 -22.42
C PHE F 118 -6.52 0.72 -21.28
N ILE F 119 -7.82 0.44 -21.31
CA ILE F 119 -8.45 -0.41 -20.30
C ILE F 119 -9.14 -1.56 -21.02
N PHE F 120 -9.03 -2.76 -20.44
CA PHE F 120 -9.53 -3.99 -21.02
C PHE F 120 -10.49 -4.65 -20.04
N PRO F 121 -11.76 -4.85 -20.39
CA PRO F 121 -12.65 -5.65 -19.54
C PRO F 121 -12.25 -7.11 -19.52
N PRO F 122 -12.75 -7.89 -18.57
CA PRO F 122 -12.44 -9.33 -18.57
C PRO F 122 -13.02 -10.03 -19.78
N SER F 123 -12.26 -10.97 -20.33
CA SER F 123 -12.76 -11.80 -21.42
C SER F 123 -13.89 -12.69 -20.92
N ASP F 124 -14.79 -13.06 -21.84
CA ASP F 124 -15.83 -14.01 -21.50
C ASP F 124 -15.24 -15.35 -21.10
N GLU F 125 -14.09 -15.72 -21.66
CA GLU F 125 -13.47 -16.99 -21.33
C GLU F 125 -13.04 -17.02 -19.86
N GLN F 126 -12.53 -15.91 -19.33
CA GLN F 126 -12.13 -15.89 -17.93
C GLN F 126 -13.33 -15.96 -17.00
N LEU F 127 -14.44 -15.33 -17.39
CA LEU F 127 -15.61 -15.25 -16.51
C LEU F 127 -16.21 -16.61 -16.22
N LYS F 128 -16.01 -17.60 -17.11
CA LYS F 128 -16.46 -18.95 -16.82
C LYS F 128 -15.55 -19.67 -15.84
N SER F 129 -14.37 -19.13 -15.54
CA SER F 129 -13.45 -19.77 -14.61
C SER F 129 -13.70 -19.40 -13.15
N GLY F 130 -14.39 -18.29 -12.89
CA GLY F 130 -14.78 -17.91 -11.54
C GLY F 130 -14.25 -16.56 -11.09
N THR F 131 -13.25 -16.00 -11.77
CA THR F 131 -12.69 -14.71 -11.38
C THR F 131 -12.71 -13.77 -12.58
N ALA F 132 -12.46 -12.50 -12.31
CA ALA F 132 -12.46 -11.47 -13.34
C ALA F 132 -11.28 -10.54 -13.11
N SER F 133 -10.52 -10.27 -14.17
CA SER F 133 -9.37 -9.40 -14.12
C SER F 133 -9.58 -8.27 -15.11
N VAL F 134 -9.52 -7.04 -14.62
CA VAL F 134 -9.56 -5.84 -15.45
C VAL F 134 -8.14 -5.30 -15.55
N VAL F 135 -7.69 -5.01 -16.76
CA VAL F 135 -6.30 -4.61 -17.00
C VAL F 135 -6.28 -3.19 -17.53
N CYS F 136 -5.61 -2.30 -16.82
CA CYS F 136 -5.29 -0.95 -17.29
C CYS F 136 -3.86 -0.96 -17.79
N LEU F 137 -3.62 -0.39 -18.97
CA LEU F 137 -2.28 -0.33 -19.54
C LEU F 137 -1.86 1.12 -19.75
N LEU F 138 -0.68 1.46 -19.25
CA LEU F 138 -0.01 2.73 -19.50
C LEU F 138 1.20 2.45 -20.37
N ASN F 139 1.18 2.96 -21.61
CA ASN F 139 2.16 2.56 -22.61
C ASN F 139 3.08 3.73 -22.96
N ASN F 140 4.40 3.49 -22.91
CA ASN F 140 5.46 4.33 -23.48
C ASN F 140 5.48 5.73 -22.86
N PHE F 141 5.78 5.76 -21.57
CA PHE F 141 5.83 7.02 -20.84
C PHE F 141 7.19 7.21 -20.18
N TYR F 142 7.46 8.45 -19.81
CA TYR F 142 8.68 8.82 -19.10
C TYR F 142 8.41 10.11 -18.35
N PRO F 143 8.90 10.23 -17.11
CA PRO F 143 9.63 9.19 -16.36
C PRO F 143 8.71 8.14 -15.75
N ARG F 144 9.28 7.32 -14.85
CA ARG F 144 8.65 6.11 -14.38
C ARG F 144 7.47 6.39 -13.44
N GLU F 145 7.56 7.46 -12.66
CA GLU F 145 6.58 7.74 -11.63
C GLU F 145 5.19 7.92 -12.21
N ALA F 146 4.24 7.14 -11.72
CA ALA F 146 2.87 7.20 -12.18
C ALA F 146 1.97 6.63 -11.09
N LYS F 147 0.86 7.31 -10.85
CA LYS F 147 -0.16 6.88 -9.91
C LYS F 147 -1.33 6.30 -10.72
N VAL F 148 -1.71 5.07 -10.39
CA VAL F 148 -2.83 4.38 -11.04
C VAL F 148 -3.83 4.00 -9.95
N GLN F 149 -5.08 4.45 -10.11
CA GLN F 149 -6.12 4.23 -9.11
C GLN F 149 -7.34 3.64 -9.77
N TRP F 150 -7.88 2.58 -9.18
CA TRP F 150 -9.07 1.90 -9.67
C TRP F 150 -10.29 2.43 -8.95
N LYS F 151 -11.36 2.66 -9.70
CA LYS F 151 -12.63 3.09 -9.13
C LYS F 151 -13.72 2.21 -9.72
N VAL F 152 -14.58 1.71 -8.85
CA VAL F 152 -15.67 0.82 -9.22
C VAL F 152 -16.95 1.47 -8.74
N ASP F 153 -17.76 1.96 -9.70
CA ASP F 153 -18.95 2.76 -9.37
C ASP F 153 -18.59 3.92 -8.45
N ASN F 154 -17.47 4.57 -8.75
CA ASN F 154 -16.92 5.75 -8.07
C ASN F 154 -16.26 5.43 -6.74
N ALA F 155 -16.26 4.17 -6.29
CA ALA F 155 -15.59 3.78 -5.06
C ALA F 155 -14.11 3.50 -5.32
N LEU F 156 -13.24 4.25 -4.66
CA LEU F 156 -11.81 3.98 -4.76
C LEU F 156 -11.48 2.59 -4.23
N GLN F 157 -10.73 1.82 -5.02
CA GLN F 157 -10.36 0.45 -4.67
C GLN F 157 -9.05 0.42 -3.91
N SER F 158 -8.91 -0.58 -3.04
CA SER F 158 -7.72 -0.70 -2.22
C SER F 158 -7.42 -2.17 -1.98
N GLY F 159 -6.14 -2.54 -2.13
CA GLY F 159 -5.66 -3.87 -1.78
C GLY F 159 -6.08 -4.99 -2.71
N ASN F 160 -6.66 -4.68 -3.86
CA ASN F 160 -7.11 -5.70 -4.81
C ASN F 160 -6.56 -5.44 -6.21
N SER F 161 -5.37 -4.86 -6.30
CA SER F 161 -4.74 -4.65 -7.59
C SER F 161 -3.24 -4.80 -7.44
N GLN F 162 -2.58 -5.12 -8.56
CA GLN F 162 -1.14 -5.25 -8.61
C GLN F 162 -0.65 -4.58 -9.89
N GLU F 163 0.55 -4.02 -9.81
CA GLU F 163 1.17 -3.27 -10.89
C GLU F 163 2.45 -3.96 -11.31
N SER F 164 2.87 -3.67 -12.54
CA SER F 164 4.12 -4.21 -13.04
C SER F 164 4.64 -3.27 -14.12
N VAL F 165 5.89 -2.87 -13.99
CA VAL F 165 6.53 -1.92 -14.89
C VAL F 165 7.63 -2.65 -15.65
N THR F 166 7.75 -2.34 -16.94
CA THR F 166 8.85 -2.85 -17.76
C THR F 166 10.16 -2.16 -17.36
N GLU F 167 11.27 -2.76 -17.76
CA GLU F 167 12.53 -2.04 -17.70
C GLU F 167 12.54 -0.95 -18.77
N GLN F 168 13.50 -0.05 -18.68
CA GLN F 168 13.57 1.02 -19.65
C GLN F 168 13.79 0.47 -21.05
N ASP F 169 12.99 0.95 -22.00
CA ASP F 169 13.05 0.46 -23.36
C ASP F 169 14.38 0.85 -23.99
N SER F 170 15.12 -0.14 -24.49
CA SER F 170 16.41 0.15 -25.12
C SER F 170 16.26 1.01 -26.36
N LYS F 171 15.10 0.95 -27.03
CA LYS F 171 14.92 1.68 -28.29
C LYS F 171 14.63 3.17 -28.05
N ASP F 172 13.67 3.49 -27.18
CA ASP F 172 13.28 4.88 -26.99
C ASP F 172 13.35 5.35 -25.53
N SER F 173 13.80 4.49 -24.61
CA SER F 173 14.05 4.84 -23.22
C SER F 173 12.77 5.13 -22.43
N THR F 174 11.63 4.57 -22.84
CA THR F 174 10.39 4.76 -22.09
C THR F 174 10.07 3.54 -21.24
N TYR F 175 9.05 3.70 -20.40
CA TYR F 175 8.53 2.61 -19.59
C TYR F 175 7.09 2.33 -19.99
N SER F 176 6.64 1.12 -19.66
CA SER F 176 5.23 0.77 -19.74
C SER F 176 4.82 0.10 -18.44
N LEU F 177 3.55 0.24 -18.09
CA LEU F 177 3.02 -0.24 -16.83
C LEU F 177 1.66 -0.85 -17.06
N SER F 178 1.41 -1.98 -16.40
CA SER F 178 0.11 -2.62 -16.40
C SER F 178 -0.35 -2.79 -14.97
N SER F 179 -1.59 -2.43 -14.70
CA SER F 179 -2.22 -2.66 -13.42
C SER F 179 -3.40 -3.60 -13.62
N THR F 180 -3.54 -4.58 -12.74
CA THR F 180 -4.60 -5.55 -12.84
C THR F 180 -5.46 -5.49 -11.57
N LEU F 181 -6.72 -5.10 -11.73
CA LEU F 181 -7.69 -5.19 -10.66
C LEU F 181 -8.33 -6.57 -10.72
N THR F 182 -8.29 -7.29 -9.61
CA THR F 182 -8.74 -8.68 -9.55
C THR F 182 -9.97 -8.79 -8.66
N LEU F 183 -11.05 -9.35 -9.21
CA LEU F 183 -12.32 -9.52 -8.51
C LEU F 183 -12.87 -10.90 -8.80
N SER F 184 -13.67 -11.41 -7.88
CA SER F 184 -14.45 -12.61 -8.16
C SER F 184 -15.52 -12.29 -9.20
N LYS F 185 -16.00 -13.34 -9.89
CA LYS F 185 -17.07 -13.11 -10.85
C LYS F 185 -18.30 -12.52 -10.15
N ALA F 186 -18.62 -13.02 -8.96
CA ALA F 186 -19.72 -12.46 -8.19
C ALA F 186 -19.52 -10.95 -7.97
N ASP F 187 -18.39 -10.56 -7.38
CA ASP F 187 -18.17 -9.15 -7.09
C ASP F 187 -18.18 -8.31 -8.35
N TYR F 188 -17.73 -8.87 -9.48
CA TYR F 188 -17.67 -8.12 -10.74
C TYR F 188 -19.04 -7.90 -11.35
N GLU F 189 -19.98 -8.84 -11.16
CA GLU F 189 -21.32 -8.64 -11.69
C GLU F 189 -22.18 -7.71 -10.83
N LYS F 190 -21.69 -7.30 -9.66
CA LYS F 190 -22.46 -6.42 -8.78
C LYS F 190 -22.36 -4.94 -9.14
N HIS F 191 -21.45 -4.58 -10.04
CA HIS F 191 -21.16 -3.17 -10.33
C HIS F 191 -21.10 -2.95 -11.84
N LYS F 192 -21.26 -1.70 -12.24
CA LYS F 192 -21.46 -1.34 -13.65
C LYS F 192 -20.27 -0.62 -14.27
N VAL F 193 -19.71 0.38 -13.59
CA VAL F 193 -18.69 1.26 -14.17
C VAL F 193 -17.34 0.94 -13.54
N TYR F 194 -16.40 0.49 -14.37
CA TYR F 194 -15.02 0.23 -13.97
C TYR F 194 -14.13 1.24 -14.65
N ALA F 195 -13.28 1.90 -13.87
CA ALA F 195 -12.49 3.03 -14.35
C ALA F 195 -11.10 2.98 -13.73
N CYS F 196 -10.10 3.35 -14.54
CA CYS F 196 -8.72 3.46 -14.10
CA CYS F 196 -8.73 3.48 -14.05
C CYS F 196 -8.27 4.90 -14.31
N GLU F 197 -7.87 5.58 -13.23
CA GLU F 197 -7.43 6.97 -13.28
C GLU F 197 -5.91 7.01 -13.20
N VAL F 198 -5.29 7.72 -14.13
CA VAL F 198 -3.83 7.72 -14.29
C VAL F 198 -3.30 9.13 -14.06
N THR F 199 -2.29 9.25 -13.20
CA THR F 199 -1.63 10.52 -12.91
C THR F 199 -0.18 10.44 -13.35
N HIS F 200 0.26 11.39 -14.15
CA HIS F 200 1.63 11.41 -14.66
C HIS F 200 1.96 12.84 -15.04
N GLN F 201 3.22 13.22 -14.85
CA GLN F 201 3.55 14.61 -15.12
C GLN F 201 3.41 14.99 -16.58
N GLY F 202 3.44 14.02 -17.50
CA GLY F 202 3.23 14.37 -18.90
C GLY F 202 1.81 14.74 -19.24
N LEU F 203 0.88 14.64 -18.30
CA LEU F 203 -0.54 14.92 -18.52
C LEU F 203 -0.93 16.21 -17.81
N ARG F 204 -1.63 17.08 -18.53
CA ARG F 204 -2.09 18.35 -17.96
C ARG F 204 -3.00 18.11 -16.74
N SER F 205 -3.91 17.14 -16.85
CA SER F 205 -4.76 16.71 -15.75
C SER F 205 -4.92 15.20 -15.86
N PRO F 206 -5.24 14.52 -14.75
CA PRO F 206 -5.30 13.05 -14.78
C PRO F 206 -6.30 12.54 -15.81
N VAL F 207 -6.03 11.33 -16.30
CA VAL F 207 -6.75 10.72 -17.39
C VAL F 207 -7.50 9.50 -16.85
N THR F 208 -8.77 9.39 -17.21
CA THR F 208 -9.63 8.30 -16.75
C THR F 208 -10.13 7.54 -17.98
N LYS F 209 -9.80 6.26 -18.05
CA LYS F 209 -10.41 5.35 -19.00
C LYS F 209 -11.36 4.43 -18.24
N SER F 210 -12.55 4.22 -18.81
CA SER F 210 -13.58 3.45 -18.13
C SER F 210 -14.39 2.67 -19.14
N PHE F 211 -15.24 1.79 -18.63
CA PHE F 211 -16.21 1.08 -19.44
C PHE F 211 -17.39 0.68 -18.55
N ASN F 212 -18.53 0.46 -19.19
CA ASN F 212 -19.71 -0.08 -18.52
C ASN F 212 -19.78 -1.56 -18.81
N ARG F 213 -19.90 -2.38 -17.76
CA ARG F 213 -19.95 -3.82 -17.94
C ARG F 213 -21.15 -4.19 -18.81
N GLY F 214 -20.88 -4.82 -19.96
CA GLY F 214 -21.93 -5.14 -20.92
C GLY F 214 -21.73 -4.52 -22.29
C1 NAG G . 53.81 -23.00 33.89
C2 NAG G . 54.49 -24.36 33.88
C3 NAG G . 55.16 -24.62 35.22
C4 NAG G . 56.15 -23.49 35.51
C5 NAG G . 55.37 -22.17 35.51
C6 NAG G . 56.30 -20.97 35.77
C7 NAG G . 53.73 -26.47 32.90
C8 NAG G . 52.57 -27.48 32.81
N2 NAG G . 53.49 -25.41 33.66
O3 NAG G . 55.84 -25.88 35.17
O4 NAG G . 56.77 -23.73 36.80
O5 NAG G . 54.75 -21.98 34.24
O6 NAG G . 56.92 -20.57 34.54
O7 NAG G . 54.78 -26.67 32.29
C1 NAG H . 55.03 -27.26 28.05
C2 NAG H . 55.11 -28.53 27.24
C3 NAG H . 55.16 -29.74 28.14
C4 NAG H . 56.32 -29.62 29.13
C5 NAG H . 56.14 -28.33 29.90
C6 NAG H . 57.28 -28.15 30.90
C7 NAG H . 53.87 -29.37 25.27
C8 NAG H . 52.52 -29.37 24.56
N2 NAG H . 53.91 -28.64 26.40
O3 NAG H . 55.32 -30.92 27.35
O4 NAG H . 56.30 -30.72 30.05
O5 NAG H . 56.14 -27.23 28.97
O6 NAG H . 58.46 -27.68 30.24
O7 NAG H . 54.83 -29.98 24.82
C1 NAG I . -66.82 -7.00 -7.85
C2 NAG I . -67.91 -6.76 -6.80
C3 NAG I . -69.14 -7.60 -7.11
C4 NAG I . -69.62 -7.28 -8.51
C5 NAG I . -68.50 -7.58 -9.48
C6 NAG I . -68.91 -7.24 -10.91
C7 NAG I . -67.79 -6.48 -4.36
C8 NAG I . -67.16 -7.01 -3.07
N2 NAG I . -67.41 -7.13 -5.47
O3 NAG I . -70.16 -7.29 -6.14
O4 NAG I . -70.78 -8.09 -8.83
O5 NAG I . -67.36 -6.76 -9.17
O6 NAG I . -68.76 -5.84 -11.13
O7 NAG I . -68.55 -5.52 -4.36
C1 NAG J . -67.37 -1.44 -3.02
C2 NAG J . -67.75 -0.66 -1.78
C3 NAG J . -68.73 -1.46 -0.92
C4 NAG J . -69.94 -1.86 -1.76
C5 NAG J . -69.45 -2.66 -2.96
C6 NAG J . -70.64 -3.05 -3.83
C7 NAG J . -66.44 0.61 -0.09
C8 NAG J . -65.08 0.73 0.61
N2 NAG J . -66.52 -0.38 -1.00
O3 NAG J . -69.15 -0.64 0.17
O4 NAG J . -70.87 -2.65 -1.01
O5 NAG J . -68.57 -1.84 -3.74
O6 NAG J . -71.28 -1.87 -4.33
O7 NAG J . -67.37 1.37 0.18
P PO4 K . 0.11 -7.79 -14.34
O1 PO4 K . -0.30 -8.95 -13.46
O2 PO4 K . -0.85 -7.69 -15.51
O3 PO4 K . 1.51 -8.03 -14.88
O4 PO4 K . 0.07 -6.50 -13.55
#